data_5I16
#
_entry.id   5I16
#
_cell.length_a   212.010
_cell.length_b   55.050
_cell.length_c   80.290
_cell.angle_alpha   90.00
_cell.angle_beta   97.88
_cell.angle_gamma   90.00
#
_symmetry.space_group_name_H-M   'C 1 2 1'
#
loop_
_entity.id
_entity.type
_entity.pdbx_description
1 polymer 'FAB LIGHT CHAIN'
2 polymer 'FAB HEAVY CHAIN'
3 non-polymer GLYCEROL
4 non-polymer '2-(N-MORPHOLINO)-ETHANESULFONIC ACID'
5 water water
#
loop_
_entity_poly.entity_id
_entity_poly.type
_entity_poly.pdbx_seq_one_letter_code
_entity_poly.pdbx_strand_id
1 'polypeptide(L)'
;EIVLTQSPATLSLSPGERATLSCRASQSVSSYLAWYQQKPGQAPRLLIYDASNRATGIPARFSGSGSGTDFTLTISSLEP
EDFAVYYCQQRSNWPLTFGQGTKVEIKRTVAAPSVFIFPPSDEQLKSGTASVVCLLNNFYPREAKVQWKVDNALQSGNSQ
ESVTEQDSKDSTYSLSSTLTLSKADYEKHKVYACEVTHQGLSSPVTKSFNRGEC
;
L,A
2 'polypeptide(L)'
;(PCA)VQLVQSGAEVKKPGSSVKVSCKASGGTFSSYAISWVRQAPGQGLEWMGGIIPIFGTANYAQKFQGRVTITADEST
STAYMELSSLRSEDTAVYYCARYDGIYGELDFWGQGTLVTVSSASTKGPSVFPLAPSSKSTSGGTAALGCLVKDYFPEPV
TVSWNSGALTSGVHTFPAVLQSSGLYSLSSVVTVPSSSLGTQTYICNVNHKPSNTKVDKKVEPKSCHHHHHH
;
H,B
#
loop_
_chem_comp.id
_chem_comp.type
_chem_comp.name
_chem_comp.formula
GOL non-polymer GLYCEROL 'C3 H8 O3'
MES non-polymer '2-(N-MORPHOLINO)-ETHANESULFONIC ACID' 'C6 H13 N O4 S'
#
# COMPACT_ATOMS: atom_id res chain seq x y z
N GLU A 1 13.42 -27.06 17.75
CA GLU A 1 12.59 -25.89 17.41
C GLU A 1 11.62 -26.22 16.28
N ILE A 2 10.59 -25.41 16.12
CA ILE A 2 9.66 -25.57 15.00
C ILE A 2 10.25 -24.89 13.77
N VAL A 3 10.37 -25.65 12.69
CA VAL A 3 10.94 -25.16 11.44
C VAL A 3 9.83 -24.80 10.45
N LEU A 4 9.94 -23.61 9.86
CA LEU A 4 8.98 -23.17 8.85
C LEU A 4 9.65 -23.11 7.49
N THR A 5 9.05 -23.82 6.53
CA THR A 5 9.54 -23.85 5.15
C THR A 5 8.50 -23.23 4.23
N GLN A 6 8.92 -22.18 3.53
CA GLN A 6 8.05 -21.49 2.59
C GLN A 6 8.33 -21.97 1.18
N SER A 7 7.28 -21.95 0.35
CA SER A 7 7.39 -22.31 -1.06
C SER A 7 6.44 -21.45 -1.88
N PRO A 8 6.81 -21.13 -3.14
CA PRO A 8 8.13 -21.40 -3.71
C PRO A 8 9.13 -20.39 -3.18
N ALA A 9 10.41 -20.55 -3.52
CA ALA A 9 11.43 -19.57 -3.15
C ALA A 9 11.18 -18.24 -3.85
N THR A 10 10.70 -18.30 -5.09
CA THR A 10 10.41 -17.12 -5.89
C THR A 10 9.08 -17.29 -6.64
N LEU A 11 8.22 -16.29 -6.53
CA LEU A 11 7.02 -16.18 -7.37
C LEU A 11 7.23 -15.07 -8.39
N SER A 12 6.95 -15.38 -9.65
CA SER A 12 7.06 -14.40 -10.73
C SER A 12 5.69 -14.17 -11.32
N LEU A 13 5.17 -12.95 -11.14
CA LEU A 13 3.81 -12.64 -11.55
C LEU A 13 3.72 -11.21 -12.08
N SER A 14 2.61 -10.90 -12.74
CA SER A 14 2.34 -9.56 -13.27
C SER A 14 1.48 -8.79 -12.28
N PRO A 15 1.56 -7.44 -12.30
CA PRO A 15 0.61 -6.65 -11.53
C PRO A 15 -0.83 -7.02 -11.87
N GLY A 16 -1.69 -7.07 -10.85
CA GLY A 16 -3.08 -7.44 -11.05
C GLY A 16 -3.37 -8.92 -10.90
N GLU A 17 -2.32 -9.75 -10.91
CA GLU A 17 -2.48 -11.18 -10.75
C GLU A 17 -2.62 -11.57 -9.28
N ARG A 18 -3.17 -12.76 -9.04
CA ARG A 18 -3.36 -13.26 -7.69
C ARG A 18 -2.10 -14.00 -7.27
N ALA A 19 -1.59 -13.68 -6.07
CA ALA A 19 -0.42 -14.35 -5.52
C ALA A 19 -0.79 -15.28 -4.36
N THR A 20 -0.27 -16.51 -4.41
CA THR A 20 -0.48 -17.47 -3.33
C THR A 20 0.86 -17.98 -2.80
N LEU A 21 1.10 -17.73 -1.52
CA LEU A 21 2.34 -18.14 -0.87
C LEU A 21 2.04 -19.18 0.20
N SER A 22 2.94 -20.15 0.34
CA SER A 22 2.76 -21.24 1.29
C SER A 22 3.80 -21.27 2.40
N CYS A 23 3.38 -21.77 3.56
CA CYS A 23 4.25 -21.98 4.71
C CYS A 23 3.93 -23.36 5.28
N ARG A 24 4.97 -24.17 5.45
CA ARG A 24 4.83 -25.53 5.98
C ARG A 24 5.63 -25.64 7.28
N ALA A 25 4.95 -26.07 8.34
CA ALA A 25 5.54 -26.21 9.66
C ALA A 25 5.92 -27.65 9.95
N SER A 26 7.10 -27.84 10.53
CA SER A 26 7.61 -29.17 10.91
C SER A 26 6.68 -29.90 11.90
N GLN A 27 5.87 -29.14 12.62
CA GLN A 27 4.82 -29.68 13.50
C GLN A 27 3.74 -28.61 13.70
N SER A 28 2.62 -29.00 14.29
CA SER A 28 1.49 -28.07 14.44
C SER A 28 1.84 -26.84 15.27
N VAL A 29 1.50 -25.67 14.73
CA VAL A 29 1.63 -24.41 15.46
C VAL A 29 0.25 -23.84 15.81
N SER A 30 -0.76 -24.71 15.71
CA SER A 30 -2.16 -24.35 15.94
C SER A 30 -2.59 -23.21 15.00
N SER A 31 -2.91 -22.05 15.57
CA SER A 31 -3.25 -20.87 14.78
C SER A 31 -2.18 -19.77 14.87
N TYR A 32 -1.14 -20.02 15.66
CA TYR A 32 -0.15 -18.99 15.99
C TYR A 32 0.90 -18.80 14.90
N LEU A 33 0.42 -18.28 13.77
CA LEU A 33 1.26 -18.04 12.62
C LEU A 33 1.00 -16.64 12.06
N ALA A 34 2.08 -15.86 11.92
CA ALA A 34 2.00 -14.52 11.34
C ALA A 34 2.73 -14.42 10.00
N TRP A 35 2.31 -13.47 9.17
CA TRP A 35 2.97 -13.13 7.90
C TRP A 35 3.49 -11.70 7.89
N TYR A 36 4.68 -11.52 7.34
CA TYR A 36 5.35 -10.21 7.22
C TYR A 36 5.78 -9.93 5.79
N GLN A 37 5.76 -8.65 5.45
CA GLN A 37 6.35 -8.19 4.21
C GLN A 37 7.65 -7.45 4.54
N GLN A 38 8.66 -7.56 3.69
CA GLN A 38 9.88 -6.79 3.86
C GLN A 38 10.43 -6.28 2.55
N LYS A 39 10.69 -4.98 2.52
CA LYS A 39 11.35 -4.34 1.39
C LYS A 39 12.78 -3.93 1.78
N PRO A 40 13.69 -3.85 0.80
CA PRO A 40 15.08 -3.45 1.03
C PRO A 40 15.24 -2.22 1.94
N GLY A 41 16.06 -2.37 2.98
CA GLY A 41 16.36 -1.28 3.90
C GLY A 41 15.29 -0.99 4.94
N GLN A 42 14.29 -1.85 5.00
CA GLN A 42 13.18 -1.64 5.93
C GLN A 42 13.02 -2.80 6.90
N ALA A 43 12.45 -2.51 8.07
CA ALA A 43 12.02 -3.54 9.00
C ALA A 43 10.88 -4.32 8.37
N PRO A 44 10.67 -5.58 8.80
CA PRO A 44 9.49 -6.31 8.38
C PRO A 44 8.23 -5.55 8.78
N ARG A 45 7.20 -5.72 7.97
CA ARG A 45 5.89 -5.12 8.21
C ARG A 45 4.90 -6.26 8.45
N LEU A 46 4.25 -6.26 9.61
CA LEU A 46 3.21 -7.26 9.93
C LEU A 46 2.01 -7.14 8.99
N LEU A 47 1.59 -8.27 8.43
CA LEU A 47 0.44 -8.31 7.52
C LEU A 47 -0.74 -9.05 8.14
N ILE A 48 -0.46 -10.24 8.63
CA ILE A 48 -1.47 -11.20 9.09
C ILE A 48 -0.98 -11.81 10.40
N TYR A 49 -1.89 -11.99 11.35
CA TYR A 49 -1.58 -12.63 12.62
C TYR A 49 -2.67 -13.64 13.00
N ASP A 50 -2.32 -14.58 13.87
CA ASP A 50 -3.22 -15.70 14.20
C ASP A 50 -3.80 -16.34 12.94
N ALA A 51 -2.93 -16.54 11.95
CA ALA A 51 -3.24 -17.22 10.69
C ALA A 51 -4.13 -16.45 9.69
N SER A 52 -5.13 -15.72 10.19
CA SER A 52 -6.16 -15.17 9.30
C SER A 52 -6.64 -13.74 9.61
N ASN A 53 -6.09 -13.12 10.64
CA ASN A 53 -6.47 -11.75 11.01
C ASN A 53 -5.55 -10.75 10.34
N ARG A 54 -6.14 -9.73 9.72
CA ARG A 54 -5.36 -8.69 9.05
C ARG A 54 -4.88 -7.67 10.11
N ALA A 55 -3.61 -7.31 10.06
CA ALA A 55 -3.07 -6.30 10.97
C ALA A 55 -3.69 -4.94 10.67
N THR A 56 -3.67 -4.04 11.66
CA THR A 56 -4.28 -2.71 11.52
C THR A 56 -3.79 -1.95 10.29
N GLY A 57 -4.72 -1.48 9.45
CA GLY A 57 -4.37 -0.63 8.30
C GLY A 57 -3.78 -1.34 7.10
N ILE A 58 -3.67 -2.66 7.17
CA ILE A 58 -3.18 -3.45 6.04
C ILE A 58 -4.31 -3.57 4.99
N PRO A 59 -3.99 -3.37 3.69
CA PRO A 59 -5.01 -3.42 2.63
C PRO A 59 -5.78 -4.74 2.54
N ALA A 60 -7.06 -4.63 2.16
CA ALA A 60 -7.99 -5.74 2.09
C ALA A 60 -7.53 -6.88 1.19
N ARG A 61 -6.69 -6.56 0.21
CA ARG A 61 -6.18 -7.57 -0.73
C ARG A 61 -5.30 -8.64 -0.08
N PHE A 62 -4.80 -8.36 1.12
CA PHE A 62 -4.04 -9.35 1.89
C PHE A 62 -4.95 -10.21 2.75
N SER A 63 -4.82 -11.53 2.63
CA SER A 63 -5.56 -12.44 3.48
C SER A 63 -4.75 -13.69 3.77
N GLY A 64 -5.01 -14.32 4.90
CA GLY A 64 -4.34 -15.57 5.25
C GLY A 64 -5.33 -16.64 5.67
N SER A 65 -4.94 -17.89 5.50
CA SER A 65 -5.74 -19.01 6.00
C SER A 65 -4.84 -20.17 6.39
N GLY A 66 -5.42 -21.17 7.03
CA GLY A 66 -4.70 -22.38 7.36
C GLY A 66 -4.67 -22.65 8.84
N SER A 67 -4.19 -23.85 9.20
CA SER A 67 -4.12 -24.33 10.58
C SER A 67 -3.10 -25.46 10.67
N GLY A 68 -2.63 -25.75 11.88
CA GLY A 68 -1.74 -26.87 12.12
C GLY A 68 -0.37 -26.69 11.49
N THR A 69 -0.16 -27.37 10.36
CA THR A 69 1.14 -27.36 9.69
C THR A 69 1.11 -26.71 8.31
N ASP A 70 -0.06 -26.28 7.85
CA ASP A 70 -0.20 -25.75 6.49
C ASP A 70 -0.90 -24.38 6.41
N PHE A 71 -0.20 -23.41 5.84
CA PHE A 71 -0.68 -22.02 5.80
C PHE A 71 -0.46 -21.34 4.45
N THR A 72 -1.32 -20.37 4.17
CA THR A 72 -1.34 -19.67 2.90
C THR A 72 -1.52 -18.18 3.12
N LEU A 73 -0.68 -17.38 2.46
CA LEU A 73 -0.95 -15.96 2.32
C LEU A 73 -1.42 -15.70 0.89
N THR A 74 -2.54 -15.00 0.75
CA THR A 74 -3.04 -14.62 -0.57
C THR A 74 -3.07 -13.11 -0.78
N ILE A 75 -2.53 -12.66 -1.90
CA ILE A 75 -2.71 -11.29 -2.34
C ILE A 75 -3.65 -11.37 -3.55
N SER A 76 -4.90 -10.96 -3.34
CA SER A 76 -5.96 -11.15 -4.34
C SER A 76 -5.59 -10.56 -5.70
N SER A 77 -5.01 -9.37 -5.68
CA SER A 77 -4.59 -8.68 -6.89
C SER A 77 -3.35 -7.86 -6.57
N LEU A 78 -2.22 -8.23 -7.18
CA LEU A 78 -0.93 -7.59 -6.89
C LEU A 78 -0.84 -6.14 -7.34
N GLU A 79 -0.43 -5.27 -6.41
CA GLU A 79 -0.10 -3.89 -6.74
C GLU A 79 1.42 -3.80 -6.89
N PRO A 80 1.93 -2.78 -7.61
CA PRO A 80 3.37 -2.62 -7.78
C PRO A 80 4.16 -2.64 -6.47
N GLU A 81 3.58 -2.09 -5.40
CA GLU A 81 4.21 -2.06 -4.08
C GLU A 81 4.31 -3.41 -3.38
N ASP A 82 3.60 -4.42 -3.89
CA ASP A 82 3.55 -5.75 -3.25
C ASP A 82 4.71 -6.66 -3.65
N PHE A 83 5.49 -6.23 -4.64
CA PHE A 83 6.61 -7.04 -5.08
C PHE A 83 7.75 -6.85 -4.07
N ALA A 84 7.97 -7.89 -3.28
CA ALA A 84 8.78 -7.81 -2.06
C ALA A 84 9.07 -9.21 -1.53
N VAL A 85 9.71 -9.27 -0.36
CA VAL A 85 9.92 -10.54 0.32
C VAL A 85 8.87 -10.72 1.42
N TYR A 86 8.37 -11.94 1.54
CA TYR A 86 7.39 -12.29 2.57
C TYR A 86 7.93 -13.42 3.45
N TYR A 87 7.69 -13.28 4.76
CA TYR A 87 8.07 -14.29 5.74
C TYR A 87 6.85 -14.73 6.56
N CYS A 88 6.76 -16.03 6.84
CA CYS A 88 5.85 -16.53 7.88
C CYS A 88 6.63 -16.67 9.19
N GLN A 89 5.91 -16.73 10.31
CA GLN A 89 6.52 -16.71 11.64
C GLN A 89 5.60 -17.37 12.63
N GLN A 90 6.14 -18.25 13.46
CA GLN A 90 5.32 -18.95 14.46
C GLN A 90 5.72 -18.61 15.88
N ARG A 91 4.75 -18.68 16.79
CA ARG A 91 5.05 -18.73 18.21
C ARG A 91 4.04 -19.57 18.99
N SER A 92 3.90 -20.82 18.56
CA SER A 92 3.20 -21.82 19.34
C SER A 92 4.16 -22.32 20.41
N ASN A 93 5.45 -22.35 20.06
CA ASN A 93 6.51 -22.79 20.96
C ASN A 93 7.70 -21.84 20.88
N TRP A 94 8.42 -21.71 21.98
CA TRP A 94 9.74 -21.08 21.95
C TRP A 94 10.74 -22.13 21.42
N PRO A 95 11.79 -21.70 20.68
CA PRO A 95 12.05 -20.32 20.25
C PRO A 95 11.07 -19.87 19.16
N LEU A 96 10.82 -18.56 19.12
CA LEU A 96 10.08 -17.96 18.03
C LEU A 96 10.90 -18.16 16.76
N THR A 97 10.26 -18.63 15.69
CA THR A 97 11.01 -18.92 14.45
C THR A 97 10.33 -18.36 13.19
N PHE A 98 11.14 -18.09 12.17
CA PHE A 98 10.67 -17.54 10.89
C PHE A 98 10.89 -18.52 9.74
N GLY A 99 10.05 -18.43 8.71
CA GLY A 99 10.33 -19.10 7.43
C GLY A 99 11.51 -18.46 6.72
N GLN A 100 12.02 -19.11 5.68
CA GLN A 100 13.22 -18.62 5.00
C GLN A 100 12.92 -17.49 3.99
N GLY A 101 11.64 -17.23 3.76
CA GLY A 101 11.22 -16.13 2.89
C GLY A 101 10.85 -16.57 1.49
N THR A 102 9.85 -15.90 0.91
CA THR A 102 9.51 -16.03 -0.51
C THR A 102 9.63 -14.66 -1.17
N LYS A 103 10.34 -14.59 -2.29
CA LYS A 103 10.40 -13.37 -3.06
C LYS A 103 9.31 -13.36 -4.13
N VAL A 104 8.55 -12.27 -4.19
CA VAL A 104 7.57 -12.07 -5.25
C VAL A 104 8.12 -10.99 -6.19
N GLU A 105 8.39 -11.40 -7.43
CA GLU A 105 8.97 -10.50 -8.43
C GLU A 105 8.03 -10.32 -9.63
N ILE A 106 8.30 -9.29 -10.42
CA ILE A 106 7.56 -8.97 -11.64
C ILE A 106 8.03 -9.88 -12.77
N LYS A 107 7.10 -10.64 -13.35
CA LYS A 107 7.39 -11.40 -14.56
C LYS A 107 7.25 -10.50 -15.78
N ARG A 108 8.28 -10.49 -16.62
CA ARG A 108 8.26 -9.73 -17.87
C ARG A 108 8.88 -10.58 -18.98
N THR A 109 8.98 -10.02 -20.18
CA THR A 109 9.56 -10.74 -21.31
C THR A 109 11.04 -11.00 -21.06
N VAL A 110 11.53 -12.12 -21.58
CA VAL A 110 12.96 -12.44 -21.52
C VAL A 110 13.78 -11.35 -22.22
N ALA A 111 14.82 -10.88 -21.53
CA ALA A 111 15.70 -9.85 -22.08
C ALA A 111 17.16 -10.23 -21.88
N ALA A 112 17.94 -10.20 -22.96
CA ALA A 112 19.36 -10.51 -22.93
C ALA A 112 20.16 -9.37 -22.32
N PRO A 113 21.21 -9.69 -21.56
CA PRO A 113 22.03 -8.61 -20.99
C PRO A 113 22.89 -7.92 -22.03
N SER A 114 23.16 -6.63 -21.80
CA SER A 114 24.19 -5.91 -22.54
C SER A 114 25.49 -6.05 -21.76
N VAL A 115 26.53 -6.57 -22.42
CA VAL A 115 27.77 -6.97 -21.72
C VAL A 115 28.93 -6.02 -22.00
N PHE A 116 29.61 -5.62 -20.93
CA PHE A 116 30.73 -4.70 -21.01
C PHE A 116 31.85 -5.19 -20.12
N ILE A 117 33.09 -5.10 -20.60
CA ILE A 117 34.25 -5.43 -19.78
C ILE A 117 35.06 -4.15 -19.52
N PHE A 118 35.59 -4.03 -18.31
CA PHE A 118 36.40 -2.89 -17.93
C PHE A 118 37.75 -3.35 -17.41
N PRO A 119 38.83 -2.91 -18.08
CA PRO A 119 40.18 -3.18 -17.57
C PRO A 119 40.45 -2.40 -16.29
N PRO A 120 41.44 -2.84 -15.49
CA PRO A 120 41.85 -2.03 -14.34
C PRO A 120 42.47 -0.71 -14.78
N SER A 121 42.23 0.35 -14.01
CA SER A 121 42.82 1.66 -14.31
C SER A 121 44.30 1.66 -13.99
N ASP A 122 45.04 2.57 -14.62
CA ASP A 122 46.48 2.72 -14.35
C ASP A 122 46.71 3.20 -12.91
N GLU A 123 45.72 3.92 -12.39
CA GLU A 123 45.76 4.42 -11.01
C GLU A 123 45.79 3.28 -9.99
N GLN A 124 44.96 2.26 -10.21
CA GLN A 124 44.92 1.10 -9.30
C GLN A 124 46.17 0.25 -9.40
N LEU A 125 46.64 0.04 -10.63
CA LEU A 125 47.83 -0.79 -10.89
C LEU A 125 49.05 -0.30 -10.11
N LYS A 126 49.09 1.01 -9.84
CA LYS A 126 50.12 1.62 -9.02
C LYS A 126 50.14 1.06 -7.59
N SER A 127 48.96 0.75 -7.05
CA SER A 127 48.82 0.22 -5.69
C SER A 127 49.19 -1.27 -5.57
N GLY A 128 49.38 -1.93 -6.72
CA GLY A 128 49.84 -3.33 -6.75
C GLY A 128 48.78 -4.40 -6.91
N THR A 129 47.54 -3.99 -7.12
CA THR A 129 46.44 -4.93 -7.37
C THR A 129 45.70 -4.53 -8.65
N ALA A 130 45.02 -5.50 -9.26
CA ALA A 130 44.26 -5.27 -10.48
C ALA A 130 42.88 -5.90 -10.39
N SER A 131 41.85 -5.08 -10.59
CA SER A 131 40.46 -5.55 -10.63
C SER A 131 39.90 -5.41 -12.03
N VAL A 132 39.39 -6.50 -12.56
CA VAL A 132 38.74 -6.48 -13.88
C VAL A 132 37.24 -6.66 -13.66
N VAL A 133 36.47 -5.72 -14.22
CA VAL A 133 35.03 -5.67 -13.97
C VAL A 133 34.23 -6.06 -15.21
N CYS A 134 33.27 -6.97 -15.03
CA CYS A 134 32.32 -7.33 -16.08
C CYS A 134 30.91 -6.89 -15.70
N LEU A 135 30.30 -6.08 -16.57
CA LEU A 135 28.94 -5.59 -16.35
C LEU A 135 27.94 -6.29 -17.26
N LEU A 136 26.86 -6.81 -16.67
CA LEU A 136 25.73 -7.36 -17.40
C LEU A 136 24.52 -6.46 -17.17
N ASN A 137 24.10 -5.73 -18.19
CA ASN A 137 23.08 -4.69 -18.00
C ASN A 137 21.68 -5.05 -18.46
N ASN A 138 20.70 -4.82 -17.57
CA ASN A 138 19.27 -4.84 -17.89
C ASN A 138 18.75 -6.13 -18.50
N PHE A 139 18.77 -7.20 -17.73
CA PHE A 139 18.36 -8.52 -18.22
C PHE A 139 17.19 -9.13 -17.45
N TYR A 140 16.50 -10.08 -18.08
CA TYR A 140 15.46 -10.87 -17.44
C TYR A 140 15.39 -12.26 -18.09
N PRO A 141 15.23 -13.34 -17.30
CA PRO A 141 15.14 -13.42 -15.84
C PRO A 141 16.48 -13.26 -15.11
N ARG A 142 16.43 -13.39 -13.79
CA ARG A 142 17.58 -13.12 -12.90
C ARG A 142 18.75 -14.08 -13.13
N GLU A 143 18.44 -15.31 -13.52
CA GLU A 143 19.42 -16.37 -13.69
C GLU A 143 20.43 -16.02 -14.80
N ALA A 144 21.70 -15.94 -14.44
CA ALA A 144 22.76 -15.63 -15.40
C ALA A 144 24.08 -16.26 -14.95
N LYS A 145 24.93 -16.59 -15.91
CA LYS A 145 26.25 -17.17 -15.61
C LYS A 145 27.40 -16.34 -16.17
N VAL A 146 28.31 -15.94 -15.30
CA VAL A 146 29.54 -15.26 -15.71
C VAL A 146 30.72 -16.21 -15.52
N GLN A 147 31.52 -16.37 -16.57
CA GLN A 147 32.74 -17.16 -16.51
C GLN A 147 33.94 -16.32 -16.94
N TRP A 148 34.87 -16.10 -16.01
CA TRP A 148 36.09 -15.38 -16.33
C TRP A 148 37.09 -16.30 -17.02
N LYS A 149 37.82 -15.73 -17.99
CA LYS A 149 38.86 -16.45 -18.72
C LYS A 149 40.08 -15.56 -18.89
N VAL A 150 41.23 -16.10 -18.51
CA VAL A 150 42.51 -15.42 -18.65
C VAL A 150 43.32 -16.27 -19.61
N ASP A 151 43.63 -15.71 -20.78
CA ASP A 151 44.27 -16.45 -21.88
C ASP A 151 43.64 -17.83 -22.11
N ASN A 152 42.31 -17.84 -22.21
CA ASN A 152 41.50 -19.06 -22.41
C ASN A 152 41.38 -20.05 -21.23
N ALA A 153 42.01 -19.74 -20.10
CA ALA A 153 41.90 -20.60 -18.92
C ALA A 153 40.76 -20.13 -18.01
N LEU A 154 39.84 -21.05 -17.69
CA LEU A 154 38.67 -20.77 -16.84
C LEU A 154 39.06 -20.49 -15.40
N GLN A 155 38.63 -19.33 -14.91
CA GLN A 155 38.95 -18.89 -13.56
C GLN A 155 37.93 -19.43 -12.57
N SER A 156 38.35 -19.58 -11.31
CA SER A 156 37.45 -19.95 -10.22
C SER A 156 38.05 -19.59 -8.87
N GLY A 157 37.20 -19.04 -8.00
CA GLY A 157 37.61 -18.69 -6.64
C GLY A 157 38.32 -17.35 -6.54
N ASN A 158 38.39 -16.63 -7.65
CA ASN A 158 39.06 -15.32 -7.68
C ASN A 158 38.17 -14.17 -8.17
N SER A 159 36.87 -14.44 -8.21
CA SER A 159 35.87 -13.41 -8.54
C SER A 159 34.71 -13.37 -7.55
N GLN A 160 34.12 -12.18 -7.44
CA GLN A 160 32.89 -11.99 -6.68
C GLN A 160 31.89 -11.25 -7.55
N GLU A 161 30.60 -11.50 -7.33
CA GLU A 161 29.55 -10.83 -8.09
C GLU A 161 28.42 -10.32 -7.21
N SER A 162 27.65 -9.39 -7.76
CA SER A 162 26.54 -8.76 -7.06
C SER A 162 25.45 -8.38 -8.07
N VAL A 163 24.19 -8.41 -7.62
CA VAL A 163 23.04 -8.21 -8.50
C VAL A 163 22.12 -7.14 -7.90
N THR A 164 21.64 -6.22 -8.74
CA THR A 164 20.70 -5.18 -8.28
C THR A 164 19.31 -5.75 -7.98
N GLU A 165 18.52 -4.99 -7.24
CA GLU A 165 17.10 -5.28 -7.09
C GLU A 165 16.42 -5.08 -8.44
N GLN A 166 15.32 -5.80 -8.67
CA GLN A 166 14.55 -5.65 -9.91
C GLN A 166 14.15 -4.19 -10.11
N ASP A 167 14.44 -3.66 -11.30
CA ASP A 167 14.18 -2.24 -11.61
C ASP A 167 12.68 -1.93 -11.57
N SER A 168 12.32 -0.81 -10.97
CA SER A 168 10.90 -0.42 -10.83
C SER A 168 10.24 -0.09 -12.17
N LYS A 169 11.03 0.46 -13.10
CA LYS A 169 10.50 0.95 -14.38
C LYS A 169 10.45 -0.11 -15.48
N ASP A 170 11.50 -0.92 -15.62
CA ASP A 170 11.55 -1.91 -16.71
C ASP A 170 11.59 -3.38 -16.27
N SER A 171 11.59 -3.60 -14.94
CA SER A 171 11.57 -4.95 -14.36
C SER A 171 12.77 -5.82 -14.74
N THR A 172 13.92 -5.19 -15.00
CA THR A 172 15.13 -5.93 -15.33
C THR A 172 16.06 -6.04 -14.11
N TYR A 173 17.07 -6.89 -14.25
CA TYR A 173 18.16 -6.99 -13.29
C TYR A 173 19.45 -6.58 -13.96
N SER A 174 20.44 -6.21 -13.16
CA SER A 174 21.79 -6.02 -13.67
C SER A 174 22.76 -6.75 -12.74
N LEU A 175 23.93 -7.10 -13.28
CA LEU A 175 24.93 -7.89 -12.55
C LEU A 175 26.33 -7.34 -12.80
N SER A 176 27.11 -7.25 -11.71
CA SER A 176 28.50 -6.84 -11.79
C SER A 176 29.36 -7.95 -11.21
N SER A 177 30.40 -8.32 -11.96
CA SER A 177 31.39 -9.31 -11.51
C SER A 177 32.80 -8.71 -11.56
N THR A 178 33.55 -8.92 -10.49
CA THR A 178 34.91 -8.41 -10.38
C THR A 178 35.88 -9.58 -10.31
N LEU A 179 36.87 -9.59 -11.21
CA LEU A 179 37.99 -10.53 -11.16
C LEU A 179 39.21 -9.83 -10.54
N THR A 180 39.76 -10.40 -9.46
CA THR A 180 40.81 -9.73 -8.71
C THR A 180 42.10 -10.57 -8.69
N LEU A 181 43.22 -9.91 -9.01
CA LEU A 181 44.55 -10.49 -8.88
C LEU A 181 45.59 -9.39 -8.66
N SER A 182 46.76 -9.77 -8.14
CA SER A 182 47.84 -8.80 -7.92
C SER A 182 48.40 -8.31 -9.24
N LYS A 183 49.05 -7.14 -9.20
CA LYS A 183 49.68 -6.51 -10.36
C LYS A 183 50.61 -7.49 -11.10
N ALA A 184 51.48 -8.14 -10.34
CA ALA A 184 52.42 -9.13 -10.89
C ALA A 184 51.71 -10.27 -11.62
N ASP A 185 50.68 -10.83 -10.99
CA ASP A 185 49.88 -11.90 -11.59
C ASP A 185 49.18 -11.41 -12.86
N TYR A 186 48.74 -10.14 -12.82
CA TYR A 186 48.04 -9.52 -13.94
C TYR A 186 48.94 -9.27 -15.14
N GLU A 187 50.19 -8.87 -14.88
CA GLU A 187 51.14 -8.58 -15.96
C GLU A 187 51.68 -9.83 -16.66
N LYS A 188 51.47 -11.00 -16.05
CA LYS A 188 51.91 -12.28 -16.63
C LYS A 188 50.98 -12.75 -17.75
N HIS A 189 49.86 -12.07 -17.93
CA HIS A 189 48.87 -12.49 -18.92
C HIS A 189 48.42 -11.36 -19.83
N LYS A 190 47.86 -11.75 -20.99
CA LYS A 190 47.50 -10.80 -22.04
C LYS A 190 45.99 -10.63 -22.19
N VAL A 191 45.29 -11.72 -22.47
CA VAL A 191 43.86 -11.69 -22.79
C VAL A 191 42.97 -11.97 -21.57
N TYR A 192 42.17 -10.98 -21.22
CA TYR A 192 41.22 -11.12 -20.11
C TYR A 192 39.82 -11.04 -20.67
N ALA A 193 39.05 -12.10 -20.47
CA ALA A 193 37.72 -12.24 -21.06
C ALA A 193 36.64 -12.62 -20.04
N CYS A 194 35.43 -12.09 -20.26
N CYS A 194 35.43 -12.10 -20.26
CA CYS A 194 34.23 -12.40 -19.47
CA CYS A 194 34.30 -12.51 -19.45
C CYS A 194 33.20 -13.08 -20.37
C CYS A 194 33.22 -13.09 -20.35
N GLU A 195 32.86 -14.34 -20.07
CA GLU A 195 31.87 -15.06 -20.87
C GLU A 195 30.54 -15.15 -20.15
N VAL A 196 29.49 -14.71 -20.84
CA VAL A 196 28.16 -14.61 -20.24
C VAL A 196 27.20 -15.61 -20.88
N THR A 197 26.56 -16.43 -20.04
CA THR A 197 25.48 -17.30 -20.45
C THR A 197 24.16 -16.77 -19.86
N HIS A 198 23.12 -16.75 -20.69
CA HIS A 198 21.79 -16.30 -20.28
C HIS A 198 20.77 -16.86 -21.28
N GLN A 199 19.54 -17.11 -20.81
CA GLN A 199 18.50 -17.70 -21.67
C GLN A 199 17.98 -16.78 -22.79
N GLY A 200 18.33 -15.50 -22.72
CA GLY A 200 18.04 -14.55 -23.80
C GLY A 200 19.13 -14.49 -24.84
N LEU A 201 20.19 -15.29 -24.64
CA LEU A 201 21.30 -15.38 -25.59
C LEU A 201 21.30 -16.76 -26.23
N SER A 202 21.30 -16.79 -27.57
CA SER A 202 21.35 -18.03 -28.34
C SER A 202 22.56 -18.87 -27.94
N SER A 203 23.70 -18.19 -27.78
CA SER A 203 24.94 -18.80 -27.31
C SER A 203 25.67 -17.77 -26.43
N PRO A 204 26.57 -18.25 -25.54
CA PRO A 204 27.33 -17.35 -24.66
C PRO A 204 28.06 -16.21 -25.38
N VAL A 205 28.05 -15.02 -24.77
CA VAL A 205 28.71 -13.84 -25.32
C VAL A 205 30.00 -13.58 -24.54
N THR A 206 31.07 -13.28 -25.26
CA THR A 206 32.36 -13.01 -24.65
C THR A 206 32.82 -11.59 -24.96
N LYS A 207 33.28 -10.89 -23.93
CA LYS A 207 33.94 -9.60 -24.13
C LYS A 207 35.35 -9.66 -23.55
N SER A 208 36.32 -9.11 -24.28
CA SER A 208 37.70 -9.15 -23.81
C SER A 208 38.49 -7.87 -24.13
N PHE A 209 39.67 -7.79 -23.54
CA PHE A 209 40.65 -6.77 -23.89
C PHE A 209 42.02 -7.42 -23.79
N ASN A 210 43.00 -6.82 -24.46
CA ASN A 210 44.39 -7.23 -24.35
C ASN A 210 45.16 -6.24 -23.46
N ARG A 211 45.76 -6.76 -22.39
CA ARG A 211 46.51 -5.95 -21.43
C ARG A 211 47.48 -4.96 -22.09
N PCA B 1 1.08 4.07 16.59
CA PCA B 1 0.85 4.59 17.95
CB PCA B 1 -0.38 3.83 18.43
CG PCA B 1 -1.05 3.29 17.15
CD PCA B 1 0.03 3.45 16.10
OE PCA B 1 -0.08 3.04 14.95
C PCA B 1 2.03 4.43 18.87
O PCA B 1 2.08 5.08 19.92
N VAL B 2 2.98 3.57 18.51
CA VAL B 2 4.19 3.39 19.30
C VAL B 2 5.39 3.44 18.35
N GLN B 3 6.39 4.23 18.69
CA GLN B 3 7.64 4.26 17.93
C GLN B 3 8.70 3.53 18.74
N LEU B 4 9.44 2.63 18.08
CA LEU B 4 10.60 2.00 18.69
C LEU B 4 11.84 2.56 18.01
N VAL B 5 12.66 3.27 18.77
CA VAL B 5 13.80 4.00 18.22
C VAL B 5 15.10 3.41 18.75
N GLN B 6 15.91 2.88 17.85
CA GLN B 6 17.12 2.13 18.23
C GLN B 6 18.37 3.01 18.15
N SER B 7 19.42 2.60 18.88
CA SER B 7 20.71 3.30 18.82
C SER B 7 21.38 3.12 17.46
N GLY B 8 22.39 3.96 17.20
CA GLY B 8 23.05 4.01 15.89
C GLY B 8 23.95 2.83 15.60
N ALA B 9 24.42 2.77 14.35
CA ALA B 9 25.25 1.67 13.86
C ALA B 9 26.56 1.52 14.66
N GLU B 10 27.00 0.27 14.78
CA GLU B 10 28.16 -0.08 15.60
C GLU B 10 29.19 -0.82 14.76
N VAL B 11 30.46 -0.59 15.08
CA VAL B 11 31.56 -1.32 14.45
C VAL B 11 32.41 -1.90 15.57
N LYS B 12 32.62 -3.22 15.53
CA LYS B 12 33.29 -3.94 16.62
C LYS B 12 34.34 -4.94 16.14
N LYS B 13 35.38 -5.13 16.94
CA LYS B 13 36.39 -6.18 16.71
C LYS B 13 35.90 -7.52 17.26
N PRO B 14 36.37 -8.64 16.67
CA PRO B 14 36.01 -9.95 17.21
C PRO B 14 36.39 -10.11 18.69
N GLY B 15 35.52 -10.79 19.44
CA GLY B 15 35.74 -11.01 20.87
C GLY B 15 35.13 -9.95 21.76
N SER B 16 34.80 -8.80 21.20
CA SER B 16 34.25 -7.68 21.96
C SER B 16 32.75 -7.86 22.22
N SER B 17 32.14 -6.83 22.81
CA SER B 17 30.70 -6.84 23.11
C SER B 17 30.04 -5.59 22.53
N VAL B 18 28.75 -5.73 22.21
CA VAL B 18 27.93 -4.61 21.74
C VAL B 18 26.64 -4.56 22.55
N LYS B 19 26.18 -3.34 22.85
CA LYS B 19 24.91 -3.15 23.53
C LYS B 19 24.06 -2.13 22.75
N VAL B 20 22.92 -2.61 22.27
CA VAL B 20 22.01 -1.84 21.43
C VAL B 20 20.77 -1.48 22.26
N SER B 21 20.33 -0.24 22.14
CA SER B 21 19.17 0.24 22.86
C SER B 21 17.95 0.34 21.96
N CYS B 22 16.77 0.29 22.59
CA CYS B 22 15.48 0.36 21.91
C CYS B 22 14.51 1.14 22.80
N LYS B 23 14.30 2.42 22.47
CA LYS B 23 13.48 3.32 23.28
C LYS B 23 12.08 3.40 22.70
N ALA B 24 11.07 3.10 23.52
CA ALA B 24 9.68 3.13 23.08
C ALA B 24 9.01 4.44 23.44
N SER B 25 8.33 5.04 22.45
CA SER B 25 7.52 6.25 22.68
C SER B 25 6.09 5.93 22.30
N GLY B 26 5.16 6.17 23.22
CA GLY B 26 3.75 5.87 22.99
C GLY B 26 3.33 4.61 23.72
N GLY B 27 2.02 4.38 23.80
CA GLY B 27 1.49 3.16 24.41
C GLY B 27 1.86 2.95 25.86
N THR B 28 1.92 1.68 26.26
CA THR B 28 2.09 1.27 27.64
C THR B 28 3.23 0.25 27.73
N PHE B 29 4.46 0.76 27.80
CA PHE B 29 5.67 -0.06 27.84
C PHE B 29 5.58 -1.23 28.84
N SER B 30 4.90 -1.00 29.97
CA SER B 30 4.73 -2.00 31.03
C SER B 30 3.76 -3.14 30.70
N SER B 31 2.93 -2.94 29.67
CA SER B 31 2.02 -4.00 29.23
C SER B 31 2.61 -4.81 28.07
N TYR B 32 3.88 -4.57 27.75
CA TYR B 32 4.51 -5.17 26.56
C TYR B 32 5.61 -6.19 26.85
N ALA B 33 5.85 -7.06 25.87
CA ALA B 33 7.05 -7.86 25.79
C ALA B 33 7.87 -7.31 24.61
N ILE B 34 9.19 -7.30 24.76
CA ILE B 34 10.09 -6.81 23.71
C ILE B 34 10.99 -7.95 23.26
N SER B 35 10.99 -8.23 21.95
CA SER B 35 11.86 -9.25 21.37
C SER B 35 12.99 -8.60 20.58
N TRP B 36 14.06 -9.35 20.39
CA TRP B 36 15.17 -8.93 19.54
C TRP B 36 15.35 -9.95 18.42
N VAL B 37 15.43 -9.44 17.19
CA VAL B 37 15.47 -10.27 15.99
C VAL B 37 16.59 -9.74 15.11
N ARG B 38 17.42 -10.63 14.56
CA ARG B 38 18.49 -10.14 13.69
C ARG B 38 18.42 -10.69 12.26
N GLN B 39 19.09 -9.98 11.36
CA GLN B 39 19.10 -10.34 9.95
C GLN B 39 20.45 -10.01 9.34
N ALA B 40 21.19 -11.06 8.98
CA ALA B 40 22.49 -10.88 8.32
C ALA B 40 22.24 -10.43 6.88
N PRO B 41 23.22 -9.72 6.28
CA PRO B 41 23.06 -9.20 4.90
C PRO B 41 22.58 -10.26 3.91
N GLY B 42 21.40 -10.02 3.33
CA GLY B 42 20.84 -10.90 2.32
C GLY B 42 20.29 -12.21 2.84
N GLN B 43 20.14 -12.35 4.16
CA GLN B 43 19.63 -13.58 4.76
C GLN B 43 18.27 -13.35 5.42
N GLY B 44 17.77 -14.38 6.10
CA GLY B 44 16.45 -14.33 6.74
C GLY B 44 16.47 -13.77 8.15
N LEU B 45 15.38 -13.99 8.87
CA LEU B 45 15.21 -13.40 10.20
C LEU B 45 15.45 -14.44 11.28
N GLU B 46 16.15 -14.03 12.33
CA GLU B 46 16.50 -14.91 13.43
C GLU B 46 16.17 -14.26 14.78
N TRP B 47 15.33 -14.93 15.57
CA TRP B 47 14.96 -14.45 16.91
C TRP B 47 16.07 -14.76 17.91
N MET B 48 16.39 -13.77 18.74
CA MET B 48 17.47 -13.90 19.72
C MET B 48 16.95 -14.12 21.14
N GLY B 49 15.82 -13.49 21.45
CA GLY B 49 15.26 -13.58 22.79
C GLY B 49 14.35 -12.40 23.07
N GLY B 50 13.80 -12.37 24.28
CA GLY B 50 12.90 -11.28 24.67
C GLY B 50 12.86 -11.04 26.16
N ILE B 51 12.13 -10.00 26.55
CA ILE B 51 11.97 -9.65 27.96
C ILE B 51 10.57 -9.12 28.20
N ILE B 52 10.07 -9.33 29.42
CA ILE B 52 8.86 -8.66 29.91
C ILE B 52 9.34 -7.65 30.94
N PRO B 53 9.43 -6.36 30.56
CA PRO B 53 9.99 -5.31 31.41
C PRO B 53 9.38 -5.18 32.81
N ILE B 54 8.07 -5.41 32.93
CA ILE B 54 7.40 -5.28 34.24
C ILE B 54 7.83 -6.36 35.24
N PHE B 55 8.26 -7.53 34.75
CA PHE B 55 8.75 -8.60 35.63
C PHE B 55 10.26 -8.73 35.59
N GLY B 56 10.87 -8.18 34.53
CA GLY B 56 12.30 -8.33 34.30
C GLY B 56 12.67 -9.73 33.82
N THR B 57 11.67 -10.53 33.44
CA THR B 57 11.92 -11.91 33.01
C THR B 57 12.30 -11.95 31.53
N ALA B 58 13.44 -12.58 31.26
CA ALA B 58 13.96 -12.66 29.90
C ALA B 58 14.14 -14.11 29.46
N ASN B 59 13.93 -14.37 28.17
CA ASN B 59 14.22 -15.68 27.59
C ASN B 59 15.06 -15.53 26.32
N TYR B 60 15.68 -16.63 25.90
CA TYR B 60 16.71 -16.61 24.87
C TYR B 60 16.64 -17.85 23.98
N ALA B 61 17.04 -17.70 22.73
CA ALA B 61 17.25 -18.86 21.88
C ALA B 61 18.55 -19.55 22.33
N GLN B 62 18.50 -20.89 22.38
CA GLN B 62 19.62 -21.71 22.87
C GLN B 62 20.93 -21.47 22.12
N LYS B 63 20.84 -21.26 20.81
CA LYS B 63 21.98 -20.89 19.97
C LYS B 63 22.73 -19.67 20.50
N PHE B 64 22.03 -18.83 21.26
CA PHE B 64 22.58 -17.57 21.77
C PHE B 64 22.75 -17.55 23.30
N GLN B 65 22.17 -18.53 23.99
CA GLN B 65 22.23 -18.58 25.45
C GLN B 65 23.68 -18.50 25.93
N GLY B 66 23.92 -17.56 26.85
CA GLY B 66 25.27 -17.31 27.33
C GLY B 66 25.94 -16.12 26.65
N ARG B 67 25.59 -15.86 25.39
CA ARG B 67 26.20 -14.76 24.63
C ARG B 67 25.35 -13.49 24.66
N VAL B 68 24.04 -13.66 24.76
CA VAL B 68 23.10 -12.52 24.72
C VAL B 68 22.46 -12.27 26.09
N THR B 69 22.47 -11.00 26.49
CA THR B 69 21.77 -10.55 27.69
C THR B 69 20.79 -9.44 27.31
N ILE B 70 19.52 -9.65 27.61
CA ILE B 70 18.49 -8.65 27.32
C ILE B 70 17.97 -8.09 28.63
N THR B 71 17.98 -6.76 28.73
CA THR B 71 17.52 -6.06 29.92
C THR B 71 16.54 -4.96 29.51
N ALA B 72 15.89 -4.35 30.50
CA ALA B 72 14.96 -3.27 30.24
C ALA B 72 14.91 -2.30 31.42
N ASP B 73 14.71 -1.03 31.11
CA ASP B 73 14.54 -0.01 32.14
C ASP B 73 13.17 0.64 31.97
N GLU B 74 12.26 0.32 32.89
CA GLU B 74 10.89 0.84 32.87
C GLU B 74 10.84 2.35 32.98
N SER B 75 11.79 2.93 33.72
CA SER B 75 11.79 4.38 33.96
C SER B 75 12.05 5.20 32.70
N THR B 76 12.72 4.59 31.72
CA THR B 76 13.06 5.26 30.46
C THR B 76 12.38 4.59 29.26
N SER B 77 11.53 3.60 29.53
CA SER B 77 10.87 2.79 28.50
C SER B 77 11.85 2.30 27.44
N THR B 78 12.99 1.77 27.91
CA THR B 78 14.06 1.33 27.01
C THR B 78 14.41 -0.14 27.26
N ALA B 79 14.57 -0.89 26.17
CA ALA B 79 15.09 -2.24 26.23
C ALA B 79 16.50 -2.27 25.65
N TYR B 80 17.26 -3.29 26.04
CA TYR B 80 18.66 -3.40 25.66
C TYR B 80 18.96 -4.83 25.30
N MET B 81 19.85 -4.99 24.33
CA MET B 81 20.35 -6.29 23.94
C MET B 81 21.87 -6.17 23.94
N GLU B 82 22.52 -6.98 24.76
CA GLU B 82 23.98 -7.05 24.76
C GLU B 82 24.42 -8.38 24.19
N LEU B 83 25.29 -8.31 23.19
CA LEU B 83 25.84 -9.49 22.55
C LEU B 83 27.36 -9.44 22.71
N SER B 84 27.89 -10.44 23.40
CA SER B 84 29.31 -10.50 23.73
C SER B 84 30.01 -11.59 22.92
N SER B 85 31.35 -11.63 23.04
CA SER B 85 32.19 -12.58 22.28
C SER B 85 31.81 -12.60 20.80
N LEU B 86 31.80 -11.41 20.21
CA LEU B 86 31.37 -11.19 18.84
C LEU B 86 32.30 -11.85 17.84
N ARG B 87 31.69 -12.42 16.81
CA ARG B 87 32.42 -13.03 15.70
C ARG B 87 31.96 -12.35 14.42
N SER B 88 32.67 -12.62 13.32
N SER B 88 32.67 -12.62 13.32
CA SER B 88 32.33 -12.06 12.01
CA SER B 88 32.34 -12.07 12.01
C SER B 88 30.89 -12.40 11.62
C SER B 88 30.90 -12.41 11.59
N GLU B 89 30.47 -13.62 11.94
CA GLU B 89 29.12 -14.10 11.61
C GLU B 89 28.00 -13.35 12.36
N ASP B 90 28.36 -12.48 13.29
CA ASP B 90 27.36 -11.67 13.99
C ASP B 90 27.08 -10.35 13.28
N THR B 91 27.74 -10.11 12.16
CA THR B 91 27.46 -8.91 11.35
C THR B 91 26.02 -9.04 10.84
N ALA B 92 25.17 -8.08 11.21
CA ALA B 92 23.75 -8.16 10.89
C ALA B 92 23.06 -6.86 11.28
N VAL B 93 21.82 -6.69 10.82
CA VAL B 93 20.95 -5.64 11.35
C VAL B 93 20.13 -6.26 12.48
N TYR B 94 20.16 -5.60 13.63
CA TYR B 94 19.48 -6.05 14.84
C TYR B 94 18.23 -5.21 15.02
N TYR B 95 17.08 -5.89 15.15
CA TYR B 95 15.79 -5.23 15.36
C TYR B 95 15.24 -5.52 16.75
N CYS B 96 14.67 -4.49 17.36
CA CYS B 96 13.77 -4.71 18.48
C CYS B 96 12.33 -4.66 17.94
N ALA B 97 11.44 -5.41 18.58
CA ALA B 97 10.04 -5.45 18.16
C ALA B 97 9.17 -5.77 19.35
N ARG B 98 7.91 -5.33 19.29
CA ARG B 98 6.96 -5.64 20.35
C ARG B 98 6.35 -7.01 20.09
N TYR B 99 6.54 -7.92 21.03
CA TYR B 99 5.97 -9.27 20.95
C TYR B 99 4.61 -9.29 21.63
N ASP B 100 3.58 -9.70 20.88
CA ASP B 100 2.22 -9.78 21.40
C ASP B 100 1.94 -11.21 21.82
N GLY B 101 1.91 -11.45 23.12
CA GLY B 101 1.72 -12.80 23.67
C GLY B 101 0.37 -13.43 23.43
N ILE B 102 -0.62 -12.63 23.04
CA ILE B 102 -1.96 -13.14 22.80
C ILE B 102 -2.00 -14.03 21.56
N TYR B 103 -1.33 -13.58 20.49
CA TYR B 103 -1.36 -14.32 19.23
C TYR B 103 0.02 -14.78 18.75
N GLY B 104 1.09 -14.22 19.31
CA GLY B 104 2.44 -14.67 18.98
C GLY B 104 3.12 -13.87 17.88
N GLU B 105 2.54 -12.73 17.52
CA GLU B 105 3.09 -11.90 16.44
C GLU B 105 3.93 -10.71 16.94
N LEU B 106 4.69 -10.12 16.02
CA LEU B 106 5.50 -8.94 16.31
C LEU B 106 4.95 -7.74 15.53
N ASP B 107 4.28 -6.82 16.23
CA ASP B 107 3.57 -5.73 15.54
C ASP B 107 4.35 -4.44 15.34
N PHE B 108 4.90 -3.88 16.42
CA PHE B 108 5.76 -2.69 16.32
C PHE B 108 7.21 -3.15 16.16
N TRP B 109 7.95 -2.50 15.26
CA TRP B 109 9.37 -2.79 15.01
C TRP B 109 10.19 -1.51 15.05
N GLY B 110 11.40 -1.61 15.60
CA GLY B 110 12.40 -0.54 15.51
C GLY B 110 12.95 -0.41 14.09
N GLN B 111 13.74 0.64 13.86
CA GLN B 111 14.30 0.90 12.53
C GLN B 111 15.48 -0.03 12.22
N GLY B 112 16.03 -0.65 13.26
CA GLY B 112 17.15 -1.57 13.08
C GLY B 112 18.46 -0.89 13.35
N THR B 113 19.44 -1.69 13.78
CA THR B 113 20.78 -1.20 14.06
C THR B 113 21.77 -2.10 13.33
N LEU B 114 22.59 -1.53 12.46
CA LEU B 114 23.68 -2.28 11.84
C LEU B 114 24.85 -2.48 12.81
N VAL B 115 25.23 -3.73 13.03
CA VAL B 115 26.42 -4.04 13.81
C VAL B 115 27.38 -4.79 12.89
N THR B 116 28.53 -4.20 12.61
CA THR B 116 29.55 -4.87 11.80
C THR B 116 30.67 -5.38 12.70
N VAL B 117 30.94 -6.68 12.62
CA VAL B 117 32.03 -7.29 13.37
C VAL B 117 33.13 -7.76 12.42
N SER B 118 34.34 -7.24 12.62
CA SER B 118 35.49 -7.55 11.77
C SER B 118 36.79 -7.10 12.43
N SER B 119 37.89 -7.75 12.06
CA SER B 119 39.21 -7.34 12.51
C SER B 119 39.67 -6.05 11.81
N ALA B 120 39.02 -5.71 10.70
CA ALA B 120 39.34 -4.52 9.92
C ALA B 120 39.03 -3.21 10.65
N SER B 121 39.69 -2.14 10.23
CA SER B 121 39.48 -0.81 10.83
C SER B 121 38.79 0.14 9.86
N THR B 122 37.98 1.05 10.41
CA THR B 122 37.24 2.04 9.61
C THR B 122 38.16 2.72 8.61
N LYS B 123 37.84 2.59 7.33
CA LYS B 123 38.73 2.98 6.25
C LYS B 123 37.96 3.55 5.05
N GLY B 124 38.46 4.65 4.51
CA GLY B 124 37.88 5.26 3.30
C GLY B 124 38.18 4.47 2.05
N PRO B 125 37.35 4.63 0.99
CA PRO B 125 37.54 3.86 -0.24
C PRO B 125 38.52 4.51 -1.22
N SER B 126 39.09 3.67 -2.08
CA SER B 126 39.81 4.13 -3.26
C SER B 126 38.82 4.09 -4.42
N VAL B 127 38.82 5.13 -5.25
CA VAL B 127 37.85 5.20 -6.34
C VAL B 127 38.56 5.21 -7.70
N PHE B 128 38.29 4.17 -8.48
CA PHE B 128 38.94 3.98 -9.77
C PHE B 128 37.92 4.03 -10.89
N PRO B 129 38.27 4.66 -12.02
CA PRO B 129 37.34 4.77 -13.13
C PRO B 129 37.12 3.43 -13.83
N LEU B 130 35.90 3.24 -14.35
CA LEU B 130 35.58 2.16 -15.26
C LEU B 130 35.26 2.85 -16.59
N ALA B 131 36.31 3.20 -17.33
CA ALA B 131 36.22 4.02 -18.53
C ALA B 131 35.41 3.33 -19.64
N PRO B 132 34.63 4.12 -20.41
CA PRO B 132 33.82 3.52 -21.48
C PRO B 132 34.68 3.03 -22.64
N SER B 133 34.20 1.98 -23.31
CA SER B 133 34.94 1.29 -24.37
C SER B 133 35.17 2.14 -25.62
N SER B 134 36.20 1.80 -26.38
CA SER B 134 36.51 2.46 -27.64
C SER B 134 36.58 1.44 -28.79
C GLY B 140 24.33 4.17 -28.10
N THR B 141 24.68 3.16 -27.32
CA THR B 141 24.72 3.28 -25.87
C THR B 141 26.05 2.79 -25.29
N ALA B 142 26.69 3.62 -24.49
CA ALA B 142 27.95 3.28 -23.84
C ALA B 142 27.78 3.07 -22.33
N ALA B 143 28.63 2.25 -21.73
CA ALA B 143 28.62 2.07 -20.28
C ALA B 143 29.93 2.55 -19.64
N LEU B 144 29.79 3.32 -18.58
CA LEU B 144 30.93 3.76 -17.81
C LEU B 144 30.61 3.63 -16.33
N GLY B 145 31.62 3.71 -15.48
CA GLY B 145 31.36 3.57 -14.07
C GLY B 145 32.51 3.88 -13.16
N CYS B 146 32.34 3.56 -11.89
N CYS B 146 32.35 3.53 -11.89
CA CYS B 146 33.38 3.70 -10.90
CA CYS B 146 33.42 3.68 -10.93
C CYS B 146 33.45 2.45 -10.04
C CYS B 146 33.46 2.44 -10.06
N LEU B 147 34.68 2.09 -9.65
CA LEU B 147 34.90 0.98 -8.76
C LEU B 147 35.31 1.59 -7.44
N VAL B 148 34.50 1.33 -6.42
CA VAL B 148 34.70 1.88 -5.08
C VAL B 148 35.29 0.74 -4.26
N LYS B 149 36.61 0.79 -4.06
CA LYS B 149 37.34 -0.36 -3.53
C LYS B 149 37.97 -0.12 -2.16
N ASP B 150 37.97 -1.16 -1.34
CA ASP B 150 38.72 -1.21 -0.07
C ASP B 150 38.26 -0.21 0.98
N TYR B 151 36.97 -0.26 1.31
CA TYR B 151 36.42 0.55 2.38
C TYR B 151 35.83 -0.32 3.48
N PHE B 152 35.67 0.28 4.66
CA PHE B 152 35.08 -0.38 5.83
C PHE B 152 34.58 0.68 6.82
N PRO B 153 33.37 0.47 7.40
CA PRO B 153 32.40 -0.58 7.08
C PRO B 153 31.42 -0.10 6.00
N GLU B 154 30.34 -0.83 5.80
CA GLU B 154 29.17 -0.33 5.06
C GLU B 154 28.58 0.84 5.86
N PRO B 155 27.85 1.75 5.19
CA PRO B 155 27.56 1.78 3.76
C PRO B 155 28.37 2.84 3.01
N VAL B 156 28.27 2.82 1.69
CA VAL B 156 28.70 3.94 0.84
C VAL B 156 27.53 4.42 0.00
N THR B 157 27.54 5.70 -0.35
CA THR B 157 26.59 6.23 -1.31
C THR B 157 27.35 6.70 -2.55
N VAL B 158 26.82 6.38 -3.72
CA VAL B 158 27.39 6.84 -4.98
C VAL B 158 26.31 7.59 -5.76
N SER B 159 26.66 8.77 -6.23
CA SER B 159 25.81 9.52 -7.14
C SER B 159 26.62 9.90 -8.37
N TRP B 160 25.92 10.27 -9.44
CA TRP B 160 26.58 10.71 -10.67
C TRP B 160 26.24 12.17 -10.96
N ASN B 161 27.24 12.93 -11.40
CA ASN B 161 27.10 14.35 -11.73
C ASN B 161 26.34 15.16 -10.67
N SER B 162 26.84 15.08 -9.45
CA SER B 162 26.26 15.79 -8.30
C SER B 162 24.85 15.32 -7.98
N GLY B 163 24.55 14.06 -8.28
CA GLY B 163 23.23 13.48 -8.04
C GLY B 163 22.21 13.87 -9.09
N ALA B 164 22.62 14.66 -10.08
CA ALA B 164 21.73 15.14 -11.13
C ALA B 164 21.46 14.09 -12.21
N LEU B 165 22.42 13.20 -12.44
CA LEU B 165 22.25 12.11 -13.39
C LEU B 165 21.77 10.87 -12.65
N THR B 166 20.53 10.47 -12.89
CA THR B 166 19.91 9.35 -12.17
C THR B 166 19.42 8.26 -13.13
N SER B 167 19.06 8.67 -14.35
CA SER B 167 18.57 7.73 -15.35
C SER B 167 19.70 6.82 -15.82
N GLY B 168 19.42 5.52 -15.87
CA GLY B 168 20.40 4.53 -16.36
C GLY B 168 21.51 4.18 -15.39
N VAL B 169 21.40 4.66 -14.15
CA VAL B 169 22.38 4.36 -13.10
C VAL B 169 22.05 3.03 -12.41
N HIS B 170 23.07 2.18 -12.24
CA HIS B 170 22.95 1.03 -11.36
C HIS B 170 24.10 1.04 -10.37
N THR B 171 23.76 1.09 -9.09
CA THR B 171 24.77 0.97 -8.05
C THR B 171 24.57 -0.37 -7.37
N PHE B 172 25.59 -1.22 -7.46
CA PHE B 172 25.46 -2.61 -7.07
C PHE B 172 25.69 -2.79 -5.57
N PRO B 173 25.10 -3.85 -4.98
CA PRO B 173 25.44 -4.17 -3.59
C PRO B 173 26.94 -4.46 -3.46
N ALA B 174 27.54 -4.01 -2.36
CA ALA B 174 28.95 -4.28 -2.10
C ALA B 174 29.19 -5.78 -1.90
N VAL B 175 30.40 -6.22 -2.23
CA VAL B 175 30.84 -7.56 -1.86
C VAL B 175 31.85 -7.45 -0.73
N LEU B 176 31.93 -8.49 0.09
CA LEU B 176 32.91 -8.52 1.17
C LEU B 176 34.11 -9.36 0.71
N GLN B 177 35.28 -8.74 0.65
CA GLN B 177 36.49 -9.41 0.20
C GLN B 177 37.13 -10.20 1.34
N SER B 178 38.01 -11.14 1.00
CA SER B 178 38.70 -11.98 1.98
C SER B 178 39.70 -11.18 2.82
N SER B 179 40.06 -9.99 2.33
CA SER B 179 40.89 -9.05 3.09
C SER B 179 40.09 -8.37 4.19
N GLY B 180 38.77 -8.59 4.17
CA GLY B 180 37.86 -7.98 5.15
C GLY B 180 37.38 -6.59 4.77
N LEU B 181 37.68 -6.16 3.55
CA LEU B 181 37.24 -4.84 3.11
C LEU B 181 36.16 -4.95 2.03
N TYR B 182 35.32 -3.92 1.90
CA TYR B 182 34.21 -3.96 0.94
C TYR B 182 34.62 -3.38 -0.40
N SER B 183 33.95 -3.85 -1.44
CA SER B 183 34.14 -3.32 -2.77
C SER B 183 32.80 -3.23 -3.50
N LEU B 184 32.58 -2.09 -4.14
CA LEU B 184 31.33 -1.83 -4.84
C LEU B 184 31.61 -1.18 -6.19
N SER B 185 30.75 -1.45 -7.16
CA SER B 185 30.79 -0.72 -8.42
C SER B 185 29.48 0.02 -8.69
N SER B 186 29.59 1.15 -9.38
CA SER B 186 28.42 1.89 -9.84
C SER B 186 28.61 2.20 -11.31
N VAL B 187 27.57 1.97 -12.09
CA VAL B 187 27.65 2.19 -13.54
C VAL B 187 26.52 3.08 -14.02
N VAL B 188 26.70 3.63 -15.21
CA VAL B 188 25.65 4.38 -15.89
C VAL B 188 25.80 4.17 -17.39
N THR B 189 24.69 3.87 -18.05
CA THR B 189 24.67 3.84 -19.50
C THR B 189 24.22 5.18 -20.06
N VAL B 190 24.97 5.66 -21.05
CA VAL B 190 24.71 6.94 -21.70
C VAL B 190 24.80 6.78 -23.23
N PRO B 191 24.20 7.71 -23.98
CA PRO B 191 24.43 7.72 -25.43
C PRO B 191 25.91 7.94 -25.75
N SER B 192 26.46 7.11 -26.64
CA SER B 192 27.85 7.22 -27.08
C SER B 192 28.23 8.58 -27.65
N SER B 193 27.27 9.23 -28.31
CA SER B 193 27.47 10.54 -28.91
C SER B 193 27.85 11.62 -27.90
N SER B 194 27.39 11.46 -26.66
CA SER B 194 27.65 12.45 -25.61
C SER B 194 29.00 12.26 -24.89
N LEU B 195 29.71 11.19 -25.22
CA LEU B 195 31.02 10.89 -24.62
C LEU B 195 32.07 11.97 -24.92
N GLY B 196 31.98 12.55 -26.12
CA GLY B 196 32.92 13.59 -26.52
C GLY B 196 32.69 14.92 -25.83
N THR B 197 31.45 15.15 -25.38
CA THR B 197 31.07 16.45 -24.82
C THR B 197 30.72 16.41 -23.33
N GLN B 198 29.83 15.49 -22.94
CA GLN B 198 29.31 15.44 -21.58
C GLN B 198 30.31 14.89 -20.57
N THR B 199 30.57 15.67 -19.53
CA THR B 199 31.43 15.27 -18.42
C THR B 199 30.67 14.32 -17.49
N TYR B 200 31.35 13.28 -17.03
CA TYR B 200 30.77 12.33 -16.10
C TYR B 200 31.65 12.18 -14.86
N ILE B 201 31.06 12.44 -13.70
CA ILE B 201 31.77 12.35 -12.43
C ILE B 201 30.96 11.47 -11.47
N CYS B 202 31.62 10.50 -10.85
CA CYS B 202 30.99 9.75 -9.78
C CYS B 202 31.35 10.39 -8.44
N ASN B 203 30.34 10.59 -7.62
CA ASN B 203 30.51 11.19 -6.30
C ASN B 203 30.30 10.11 -5.26
N VAL B 204 31.36 9.82 -4.50
CA VAL B 204 31.31 8.75 -3.52
C VAL B 204 31.35 9.35 -2.12
N ASN B 205 30.40 8.95 -1.28
CA ASN B 205 30.35 9.41 0.10
C ASN B 205 30.36 8.23 1.06
N HIS B 206 31.45 8.09 1.81
CA HIS B 206 31.57 7.09 2.87
C HIS B 206 31.39 7.77 4.22
N LYS B 207 30.14 7.85 4.67
CA LYS B 207 29.80 8.51 5.94
C LYS B 207 30.51 7.94 7.20
N PRO B 208 30.68 6.60 7.28
CA PRO B 208 31.45 6.03 8.40
C PRO B 208 32.89 6.56 8.57
N SER B 209 33.55 6.96 7.48
CA SER B 209 34.88 7.55 7.59
C SER B 209 34.87 9.04 7.26
N ASN B 210 33.66 9.58 7.07
CA ASN B 210 33.47 10.97 6.68
C ASN B 210 34.27 11.36 5.43
N THR B 211 34.30 10.45 4.45
CA THR B 211 35.12 10.60 3.24
C THR B 211 34.27 10.90 2.01
N LYS B 212 34.67 11.93 1.28
CA LYS B 212 34.00 12.34 0.05
C LYS B 212 35.01 12.33 -1.11
N VAL B 213 34.72 11.53 -2.13
CA VAL B 213 35.63 11.41 -3.28
C VAL B 213 34.88 11.62 -4.60
N ASP B 214 35.43 12.49 -5.44
CA ASP B 214 34.92 12.69 -6.79
C ASP B 214 35.92 12.15 -7.81
N LYS B 215 35.42 11.45 -8.82
CA LYS B 215 36.28 10.93 -9.87
C LYS B 215 35.63 11.11 -11.23
N LYS B 216 36.28 11.90 -12.08
CA LYS B 216 35.85 12.05 -13.47
C LYS B 216 36.17 10.79 -14.27
N VAL B 217 35.20 10.32 -15.04
CA VAL B 217 35.38 9.14 -15.88
C VAL B 217 35.34 9.52 -17.36
N GLU B 218 36.50 9.45 -18.00
CA GLU B 218 36.66 9.81 -19.41
C GLU B 218 37.15 8.61 -20.23
N PRO B 219 36.86 8.60 -21.56
CA PRO B 219 37.24 7.48 -22.44
C PRO B 219 38.75 7.17 -22.46
N GLU C 1 -15.71 24.98 18.77
CA GLU C 1 -14.76 23.86 18.51
C GLU C 1 -13.63 24.29 17.57
N ILE C 2 -12.57 23.47 17.50
CA ILE C 2 -11.50 23.75 16.57
C ILE C 2 -11.90 23.27 15.18
N VAL C 3 -11.92 24.22 14.24
CA VAL C 3 -12.27 23.94 12.85
C VAL C 3 -11.00 23.61 12.07
N LEU C 4 -11.04 22.50 11.35
CA LEU C 4 -9.95 22.08 10.48
C LEU C 4 -10.34 22.29 9.02
N THR C 5 -9.52 23.04 8.31
CA THR C 5 -9.80 23.38 6.91
C THR C 5 -8.79 22.71 6.01
N GLN C 6 -9.27 21.80 5.18
CA GLN C 6 -8.41 21.12 4.23
C GLN C 6 -8.51 21.75 2.86
N SER C 7 -7.38 21.81 2.17
CA SER C 7 -7.31 22.33 0.81
C SER C 7 -6.27 21.55 0.01
N PRO C 8 -6.47 21.46 -1.32
CA PRO C 8 -7.73 21.84 -1.95
C PRO C 8 -8.75 20.72 -1.70
N ALA C 9 -9.99 20.92 -2.15
CA ALA C 9 -11.02 19.89 -2.02
C ALA C 9 -10.70 18.67 -2.88
N THR C 10 -10.12 18.92 -4.06
CA THR C 10 -9.70 17.88 -4.98
C THR C 10 -8.32 18.20 -5.54
N LEU C 11 -7.44 17.20 -5.50
CA LEU C 11 -6.16 17.25 -6.19
C LEU C 11 -6.20 16.25 -7.33
N SER C 12 -5.81 16.70 -8.52
CA SER C 12 -5.71 15.82 -9.69
C SER C 12 -4.24 15.62 -10.08
N LEU C 13 -3.75 14.39 -9.91
CA LEU C 13 -2.33 14.10 -10.11
C LEU C 13 -2.12 12.79 -10.85
N SER C 14 -0.92 12.59 -11.37
CA SER C 14 -0.58 11.36 -12.07
C SER C 14 0.11 10.40 -11.10
N PRO C 15 0.00 9.09 -11.37
CA PRO C 15 0.77 8.15 -10.55
C PRO C 15 2.26 8.46 -10.64
N GLY C 16 2.99 8.26 -9.56
CA GLY C 16 4.41 8.59 -9.50
C GLY C 16 4.72 10.02 -9.13
N GLU C 17 3.71 10.89 -9.09
CA GLU C 17 3.91 12.29 -8.71
C GLU C 17 3.85 12.46 -7.19
N ARG C 18 4.46 13.54 -6.71
CA ARG C 18 4.34 13.93 -5.30
C ARG C 18 2.97 14.55 -5.05
N ALA C 19 2.38 14.20 -3.92
CA ALA C 19 1.12 14.82 -3.47
C ALA C 19 1.34 15.49 -2.12
N THR C 20 0.90 16.75 -2.02
CA THR C 20 0.95 17.45 -0.73
C THR C 20 -0.43 17.98 -0.39
N LEU C 21 -0.94 17.54 0.75
CA LEU C 21 -2.28 17.92 1.19
C LEU C 21 -2.18 18.81 2.42
N SER C 22 -3.03 19.82 2.47
CA SER C 22 -2.96 20.83 3.51
C SER C 22 -4.11 20.72 4.52
N CYS C 23 -3.78 20.90 5.80
CA CYS C 23 -4.76 21.01 6.88
C CYS C 23 -4.38 22.21 7.75
N ARG C 24 -5.33 23.11 7.95
CA ARG C 24 -5.07 24.33 8.71
C ARG C 24 -6.10 24.44 9.82
N ALA C 25 -5.62 24.55 11.05
CA ALA C 25 -6.50 24.60 12.22
C ALA C 25 -6.83 26.03 12.62
N SER C 26 -8.05 26.23 13.12
CA SER C 26 -8.53 27.57 13.50
C SER C 26 -7.79 28.14 14.69
N GLN C 27 -7.26 27.26 15.55
CA GLN C 27 -6.36 27.63 16.64
C GLN C 27 -5.32 26.52 16.80
N SER C 28 -4.29 26.77 17.58
CA SER C 28 -3.20 25.79 17.74
C SER C 28 -3.68 24.45 18.30
N VAL C 29 -3.27 23.37 17.65
CA VAL C 29 -3.54 22.02 18.16
C VAL C 29 -2.25 21.34 18.59
N SER C 30 -1.18 22.14 18.73
CA SER C 30 0.16 21.64 19.02
C SER C 30 0.54 20.57 17.97
N SER C 31 0.83 19.35 18.42
CA SER C 31 1.12 18.23 17.51
C SER C 31 0.00 17.19 17.46
N TYR C 32 -1.13 17.50 18.08
CA TYR C 32 -2.20 16.51 18.21
C TYR C 32 -3.07 16.45 16.98
N LEU C 33 -2.43 16.07 15.88
CA LEU C 33 -3.04 16.05 14.57
C LEU C 33 -2.73 14.75 13.83
N ALA C 34 -3.80 14.11 13.34
CA ALA C 34 -3.69 12.80 12.67
C ALA C 34 -4.25 12.86 11.26
N TRP C 35 -3.78 11.98 10.39
CA TRP C 35 -4.26 11.89 9.01
C TRP C 35 -4.78 10.48 8.75
N TYR C 36 -5.90 10.41 8.01
CA TYR C 36 -6.54 9.13 7.66
C TYR C 36 -6.76 9.07 6.19
N GLN C 37 -6.74 7.86 5.64
CA GLN C 37 -7.11 7.61 4.28
C GLN C 37 -8.44 6.85 4.30
N GLN C 38 -9.33 7.18 3.37
CA GLN C 38 -10.57 6.42 3.23
C GLN C 38 -10.89 6.11 1.78
N LYS C 39 -11.16 4.84 1.51
CA LYS C 39 -11.57 4.37 0.19
C LYS C 39 -13.05 3.99 0.23
N PRO C 40 -13.73 4.02 -0.93
CA PRO C 40 -15.18 3.72 -0.97
C PRO C 40 -15.53 2.40 -0.29
N GLY C 41 -16.52 2.44 0.59
CA GLY C 41 -17.01 1.25 1.28
C GLY C 41 -16.11 0.73 2.40
N GLN C 42 -15.09 1.51 2.77
CA GLN C 42 -14.15 1.12 3.82
C GLN C 42 -14.13 2.11 4.99
N ALA C 43 -13.76 1.62 6.17
CA ALA C 43 -13.50 2.47 7.32
C ALA C 43 -12.22 3.26 7.05
N PRO C 44 -12.08 4.45 7.69
CA PRO C 44 -10.82 5.18 7.59
C PRO C 44 -9.63 4.35 8.10
N ARG C 45 -8.48 4.61 7.51
CA ARG C 45 -7.21 3.96 7.84
C ARG C 45 -6.28 5.06 8.38
N LEU C 46 -5.82 4.92 9.62
CA LEU C 46 -4.86 5.85 10.20
C LEU C 46 -3.53 5.81 9.46
N LEU C 47 -3.03 6.98 9.06
CA LEU C 47 -1.74 7.08 8.36
C LEU C 47 -0.67 7.71 9.24
N ILE C 48 -1.03 8.81 9.89
CA ILE C 48 -0.08 9.67 10.60
C ILE C 48 -0.74 10.05 11.90
N TYR C 49 0.02 10.05 12.98
CA TYR C 49 -0.47 10.56 14.26
C TYR C 49 0.58 11.45 14.91
N ASP C 50 0.14 12.25 15.88
CA ASP C 50 1.00 13.25 16.52
C ASP C 50 1.78 14.08 15.48
N ALA C 51 1.07 14.46 14.42
CA ALA C 51 1.56 15.34 13.35
C ALA C 51 2.58 14.74 12.39
N SER C 52 3.52 13.93 12.89
CA SER C 52 4.61 13.49 12.03
C SER C 52 5.01 12.02 12.18
N ASN C 53 4.30 11.27 13.02
CA ASN C 53 4.60 9.86 13.21
C ASN C 53 3.80 8.95 12.28
N ARG C 54 4.49 8.03 11.62
CA ARG C 54 3.82 7.05 10.78
C ARG C 54 3.19 5.98 11.66
N ALA C 55 1.90 5.68 11.41
CA ALA C 55 1.23 4.59 12.11
C ALA C 55 1.87 3.25 11.70
N THR C 56 1.70 2.24 12.54
CA THR C 56 2.34 0.94 12.34
C THR C 56 2.04 0.36 10.96
N GLY C 57 3.10 -0.01 10.24
CA GLY C 57 3.00 -0.68 8.93
C GLY C 57 2.63 0.19 7.74
N ILE C 58 2.42 1.48 7.97
CA ILE C 58 2.08 2.41 6.88
C ILE C 58 3.34 2.62 6.01
N PRO C 59 3.18 2.56 4.67
CA PRO C 59 4.35 2.71 3.78
C PRO C 59 5.12 4.01 3.98
N ALA C 60 6.45 3.94 3.79
CA ALA C 60 7.34 5.06 4.03
C ALA C 60 7.05 6.29 3.15
N ARG C 61 6.34 6.07 2.03
CA ARG C 61 5.99 7.17 1.14
C ARG C 61 5.06 8.21 1.76
N PHE C 62 4.38 7.83 2.83
CA PHE C 62 3.50 8.76 3.57
C PHE C 62 4.30 9.45 4.67
N SER C 63 4.18 10.77 4.76
CA SER C 63 4.81 11.52 5.84
C SER C 63 3.94 12.71 6.25
N GLY C 64 4.04 13.08 7.52
CA GLY C 64 3.30 14.23 8.04
C GLY C 64 4.28 15.28 8.51
N SER C 65 3.91 16.55 8.35
CA SER C 65 4.72 17.64 8.86
C SER C 65 3.83 18.74 9.43
N GLY C 66 4.44 19.58 10.26
CA GLY C 66 3.75 20.73 10.82
C GLY C 66 3.54 20.66 12.32
N SER C 67 3.32 21.82 12.93
CA SER C 67 3.05 21.94 14.34
C SER C 67 2.24 23.22 14.55
N GLY C 68 1.28 23.18 15.47
CA GLY C 68 0.45 24.34 15.78
C GLY C 68 -0.82 24.44 14.95
N THR C 69 -0.75 25.13 13.83
CA THR C 69 -1.94 25.38 13.01
C THR C 69 -1.82 24.93 11.55
N ASP C 70 -0.59 24.75 11.07
CA ASP C 70 -0.37 24.48 9.65
C ASP C 70 0.24 23.09 9.43
N PHE C 71 -0.50 22.21 8.75
CA PHE C 71 -0.06 20.81 8.60
C PHE C 71 -0.08 20.35 7.17
N THR C 72 0.82 19.44 6.84
CA THR C 72 0.90 18.87 5.51
C THR C 72 1.05 17.35 5.58
N LEU C 73 0.27 16.67 4.75
CA LEU C 73 0.48 15.24 4.48
C LEU C 73 1.14 15.13 3.11
N THR C 74 2.30 14.48 3.07
CA THR C 74 3.01 14.29 1.82
C THR C 74 3.01 12.82 1.38
N ILE C 75 2.68 12.57 0.12
CA ILE C 75 2.87 11.24 -0.48
C ILE C 75 3.99 11.44 -1.50
N SER C 76 5.17 10.91 -1.21
CA SER C 76 6.37 11.21 -1.99
C SER C 76 6.23 10.82 -3.46
N SER C 77 5.63 9.66 -3.70
CA SER C 77 5.37 9.18 -5.04
C SER C 77 4.07 8.37 -5.03
N LEU C 78 3.04 8.91 -5.67
CA LEU C 78 1.71 8.30 -5.66
C LEU C 78 1.68 6.93 -6.31
N GLU C 79 1.11 5.96 -5.59
CA GLU C 79 0.83 4.63 -6.13
C GLU C 79 -0.66 4.57 -6.52
N PRO C 80 -1.05 3.64 -7.42
CA PRO C 80 -2.46 3.55 -7.79
C PRO C 80 -3.44 3.43 -6.62
N GLU C 81 -3.08 2.70 -5.57
CA GLU C 81 -3.94 2.54 -4.40
C GLU C 81 -4.05 3.79 -3.51
N ASP C 82 -3.28 4.83 -3.82
CA ASP C 82 -3.25 6.05 -3.01
C ASP C 82 -4.30 7.08 -3.40
N PHE C 83 -4.96 6.86 -4.53
CA PHE C 83 -5.99 7.78 -4.99
C PHE C 83 -7.25 7.49 -4.19
N ALA C 84 -7.56 8.41 -3.29
CA ALA C 84 -8.55 8.18 -2.23
C ALA C 84 -8.88 9.51 -1.58
N VAL C 85 -9.69 9.46 -0.53
CA VAL C 85 -9.99 10.65 0.26
C VAL C 85 -9.12 10.65 1.52
N TYR C 86 -8.64 11.84 1.88
CA TYR C 86 -7.79 12.00 3.05
C TYR C 86 -8.38 13.01 4.01
N TYR C 87 -8.45 12.62 5.29
CA TYR C 87 -8.99 13.47 6.35
C TYR C 87 -7.93 13.78 7.39
N CYS C 88 -7.94 15.02 7.88
CA CYS C 88 -7.16 15.37 9.06
C CYS C 88 -8.07 15.43 10.29
N GLN C 89 -7.47 15.31 11.47
CA GLN C 89 -8.21 15.14 12.74
C GLN C 89 -7.39 15.64 13.92
N GLN C 90 -8.00 16.44 14.78
CA GLN C 90 -7.31 16.95 15.98
C GLN C 90 -7.92 16.44 17.28
N ARG C 91 -7.09 16.34 18.31
CA ARG C 91 -7.55 16.15 19.69
C ARG C 91 -6.67 16.87 20.73
N SER C 92 -6.31 18.11 20.39
CA SER C 92 -5.78 19.04 21.37
C SER C 92 -6.87 19.40 22.38
N ASN C 93 -8.09 19.55 21.88
CA ASN C 93 -9.26 19.91 22.71
C ASN C 93 -10.51 19.11 22.31
N TRP C 94 -11.41 18.93 23.26
CA TRP C 94 -12.75 18.43 22.96
C TRP C 94 -13.62 19.58 22.42
N PRO C 95 -14.52 19.29 21.47
CA PRO C 95 -14.80 17.99 20.85
C PRO C 95 -13.72 17.60 19.85
N LEU C 96 -13.54 16.29 19.68
CA LEU C 96 -12.66 15.76 18.64
C LEU C 96 -13.24 16.15 17.28
N THR C 97 -12.42 16.75 16.42
CA THR C 97 -12.91 17.25 15.13
C THR C 97 -12.09 16.76 13.94
N PHE C 98 -12.71 16.78 12.76
CA PHE C 98 -12.11 16.34 11.52
C PHE C 98 -12.18 17.48 10.51
N GLY C 99 -11.22 17.53 9.59
CA GLY C 99 -11.36 18.31 8.37
C GLY C 99 -12.41 17.71 7.45
N GLN C 100 -12.81 18.45 6.42
CA GLN C 100 -13.85 18.00 5.50
C GLN C 100 -13.35 17.11 4.35
N GLY C 101 -12.04 16.85 4.33
CA GLY C 101 -11.48 15.88 3.40
C GLY C 101 -10.96 16.47 2.10
N THR C 102 -9.94 15.81 1.54
CA THR C 102 -9.40 16.13 0.23
C THR C 102 -9.39 14.87 -0.60
N LYS C 103 -10.01 14.93 -1.78
CA LYS C 103 -10.00 13.79 -2.71
C LYS C 103 -8.79 13.88 -3.63
N VAL C 104 -8.02 12.81 -3.73
CA VAL C 104 -6.93 12.76 -4.69
C VAL C 104 -7.35 11.85 -5.83
N GLU C 105 -7.52 12.43 -7.02
CA GLU C 105 -7.95 11.68 -8.18
C GLU C 105 -6.85 11.63 -9.23
N ILE C 106 -6.97 10.67 -10.14
CA ILE C 106 -6.01 10.48 -11.23
C ILE C 106 -6.26 11.51 -12.33
N LYS C 107 -5.21 12.23 -12.69
CA LYS C 107 -5.25 13.13 -13.83
C LYS C 107 -5.00 12.33 -15.09
N ARG C 108 -5.85 12.53 -16.09
CA ARG C 108 -5.67 11.92 -17.41
C ARG C 108 -6.13 12.93 -18.48
N THR C 109 -5.98 12.56 -19.74
CA THR C 109 -6.40 13.44 -20.84
C THR C 109 -7.91 13.54 -20.91
N VAL C 110 -8.39 14.65 -21.47
CA VAL C 110 -9.81 14.89 -21.61
C VAL C 110 -10.45 13.80 -22.48
N ALA C 111 -11.58 13.27 -22.02
CA ALA C 111 -12.30 12.23 -22.74
C ALA C 111 -13.78 12.60 -22.81
N ALA C 112 -14.33 12.66 -24.02
CA ALA C 112 -15.73 12.98 -24.22
C ALA C 112 -16.60 11.80 -23.77
N PRO C 113 -17.78 12.10 -23.19
CA PRO C 113 -18.68 11.01 -22.87
C PRO C 113 -19.33 10.42 -24.11
N SER C 114 -19.59 9.12 -24.08
CA SER C 114 -20.52 8.50 -25.01
C SER C 114 -21.89 8.68 -24.38
N VAL C 115 -22.83 9.26 -25.13
CA VAL C 115 -24.14 9.57 -24.60
C VAL C 115 -25.21 8.64 -25.15
N PHE C 116 -26.02 8.10 -24.25
CA PHE C 116 -27.12 7.21 -24.59
C PHE C 116 -28.39 7.66 -23.88
N ILE C 117 -29.51 7.63 -24.61
CA ILE C 117 -30.82 7.91 -24.02
C ILE C 117 -31.68 6.65 -24.03
N PHE C 118 -32.37 6.39 -22.92
CA PHE C 118 -33.24 5.22 -22.78
C PHE C 118 -34.67 5.67 -22.46
N PRO C 119 -35.63 5.37 -23.36
CA PRO C 119 -37.04 5.63 -23.06
C PRO C 119 -37.55 4.75 -21.91
N PRO C 120 -38.67 5.14 -21.26
CA PRO C 120 -39.25 4.23 -20.27
C PRO C 120 -39.65 2.90 -20.89
N SER C 121 -39.57 1.84 -20.10
CA SER C 121 -39.96 0.51 -20.55
C SER C 121 -41.47 0.38 -20.56
N ASP C 122 -41.98 -0.54 -21.37
CA ASP C 122 -43.40 -0.87 -21.39
C ASP C 122 -43.87 -1.32 -20.01
N GLU C 123 -43.04 -2.15 -19.35
CA GLU C 123 -43.35 -2.64 -18.01
C GLU C 123 -43.57 -1.48 -17.03
N GLN C 124 -42.69 -0.49 -17.07
CA GLN C 124 -42.80 0.67 -16.17
C GLN C 124 -44.06 1.50 -16.45
N LEU C 125 -44.32 1.78 -17.72
CA LEU C 125 -45.48 2.59 -18.12
C LEU C 125 -46.79 1.99 -17.62
N LYS C 126 -46.87 0.66 -17.62
CA LYS C 126 -48.00 -0.07 -17.04
C LYS C 126 -48.27 0.31 -15.57
N SER C 127 -47.20 0.51 -14.81
CA SER C 127 -47.31 0.85 -13.38
C SER C 127 -47.74 2.29 -13.10
N GLY C 128 -47.69 3.15 -14.12
CA GLY C 128 -48.15 4.53 -14.00
C GLY C 128 -47.08 5.61 -13.86
N THR C 129 -45.82 5.23 -14.05
CA THR C 129 -44.69 6.17 -13.99
C THR C 129 -43.81 6.03 -15.22
N ALA C 130 -43.10 7.10 -15.59
CA ALA C 130 -42.18 7.08 -16.70
C ALA C 130 -40.82 7.62 -16.28
N SER C 131 -39.80 6.77 -16.37
CA SER C 131 -38.43 7.20 -16.14
C SER C 131 -37.66 7.17 -17.45
N VAL C 132 -37.02 8.30 -17.77
CA VAL C 132 -36.19 8.40 -18.95
C VAL C 132 -34.76 8.51 -18.45
N VAL C 133 -33.87 7.69 -18.98
CA VAL C 133 -32.50 7.64 -18.47
C VAL C 133 -31.51 8.13 -19.53
N CYS C 134 -30.61 9.01 -19.10
CA CYS C 134 -29.53 9.51 -19.92
C CYS C 134 -28.21 9.03 -19.32
N LEU C 135 -27.43 8.33 -20.13
CA LEU C 135 -26.16 7.79 -19.70
C LEU C 135 -25.02 8.54 -20.36
N LEU C 136 -24.08 9.00 -19.54
CA LEU C 136 -22.84 9.60 -20.02
C LEU C 136 -21.72 8.65 -19.65
N ASN C 137 -21.19 7.93 -20.64
CA ASN C 137 -20.23 6.89 -20.36
C ASN C 137 -18.76 7.28 -20.56
N ASN C 138 -17.93 6.93 -19.59
CA ASN C 138 -16.46 7.00 -19.71
C ASN C 138 -15.90 8.36 -20.14
N PHE C 139 -16.06 9.36 -19.29
CA PHE C 139 -15.57 10.70 -19.58
C PHE C 139 -14.58 11.20 -18.52
N TYR C 140 -13.82 12.23 -18.88
CA TYR C 140 -12.93 12.93 -17.97
C TYR C 140 -12.70 14.35 -18.50
N PRO C 141 -12.74 15.38 -17.63
CA PRO C 141 -12.87 15.35 -16.17
C PRO C 141 -14.30 15.11 -15.68
N ARG C 142 -14.46 15.11 -14.35
CA ARG C 142 -15.71 14.75 -13.70
C ARG C 142 -16.84 15.75 -13.97
N GLU C 143 -16.48 17.01 -14.18
CA GLU C 143 -17.46 18.08 -14.41
C GLU C 143 -18.22 17.85 -15.71
N ALA C 144 -19.54 17.65 -15.60
CA ALA C 144 -20.38 17.48 -16.77
C ALA C 144 -21.73 18.12 -16.50
N LYS C 145 -22.41 18.53 -17.56
CA LYS C 145 -23.75 19.11 -17.42
C LYS C 145 -24.75 18.32 -18.26
N VAL C 146 -25.83 17.90 -17.61
CA VAL C 146 -26.95 17.25 -18.30
C VAL C 146 -28.18 18.15 -18.21
N GLN C 147 -28.73 18.52 -19.36
CA GLN C 147 -29.95 19.30 -19.41
C GLN C 147 -31.03 18.49 -20.11
N TRP C 148 -32.14 18.23 -19.42
CA TRP C 148 -33.30 17.59 -20.03
C TRP C 148 -34.16 18.63 -20.74
N LYS C 149 -34.62 18.29 -21.94
CA LYS C 149 -35.55 19.11 -22.71
C LYS C 149 -36.73 18.25 -23.15
N VAL C 150 -37.93 18.74 -22.90
CA VAL C 150 -39.14 18.04 -23.31
C VAL C 150 -39.91 18.94 -24.28
N ASP C 151 -40.01 18.51 -25.54
CA ASP C 151 -40.47 19.36 -26.66
C ASP C 151 -39.75 20.71 -26.68
N ASN C 152 -38.43 20.65 -26.54
CA ASN C 152 -37.54 21.81 -26.55
C ASN C 152 -37.64 22.78 -25.35
N ALA C 153 -38.44 22.42 -24.34
CA ALA C 153 -38.54 23.22 -23.11
C ALA C 153 -37.55 22.68 -22.08
N LEU C 154 -36.71 23.59 -21.56
CA LEU C 154 -35.70 23.24 -20.55
C LEU C 154 -36.38 22.77 -19.26
N GLN C 155 -36.04 21.55 -18.82
CA GLN C 155 -36.60 20.96 -17.62
C GLN C 155 -35.77 21.32 -16.39
N SER C 156 -36.45 21.47 -15.26
CA SER C 156 -35.76 21.58 -13.98
C SER C 156 -36.55 20.87 -12.89
N GLY C 157 -35.82 20.31 -11.91
CA GLY C 157 -36.43 19.76 -10.72
C GLY C 157 -37.04 18.38 -10.83
N ASN C 158 -37.11 17.84 -12.06
CA ASN C 158 -37.66 16.50 -12.28
C ASN C 158 -36.62 15.45 -12.68
N SER C 159 -35.36 15.73 -12.38
CA SER C 159 -34.28 14.80 -12.67
C SER C 159 -33.35 14.65 -11.47
N GLN C 160 -32.69 13.51 -11.38
CA GLN C 160 -31.65 13.25 -10.38
C GLN C 160 -30.53 12.51 -11.06
N GLU C 161 -29.30 12.76 -10.62
CA GLU C 161 -28.15 12.12 -11.24
C GLU C 161 -27.20 11.55 -10.20
N SER C 162 -26.37 10.61 -10.64
CA SER C 162 -25.25 10.17 -9.81
C SER C 162 -24.06 9.81 -10.69
N VAL C 163 -22.89 9.76 -10.05
CA VAL C 163 -21.63 9.59 -10.75
C VAL C 163 -20.87 8.45 -10.10
N THR C 164 -20.27 7.59 -10.92
CA THR C 164 -19.46 6.49 -10.41
C THR C 164 -18.15 7.02 -9.87
N GLU C 165 -17.48 6.20 -9.05
CA GLU C 165 -16.09 6.46 -8.66
C GLU C 165 -15.21 6.34 -9.89
N GLN C 166 -14.11 7.07 -9.90
CA GLN C 166 -13.14 6.99 -11.00
C GLN C 166 -12.74 5.54 -11.26
N ASP C 167 -12.77 5.15 -12.53
CA ASP C 167 -12.46 3.78 -12.94
C ASP C 167 -10.97 3.49 -12.74
N SER C 168 -10.66 2.33 -12.17
CA SER C 168 -9.30 1.96 -11.84
C SER C 168 -8.45 1.53 -13.05
N LYS C 169 -9.10 1.37 -14.21
CA LYS C 169 -8.40 0.94 -15.43
C LYS C 169 -8.18 2.08 -16.42
N ASP C 170 -9.22 2.88 -16.67
CA ASP C 170 -9.11 3.97 -17.64
C ASP C 170 -9.26 5.38 -17.06
N SER C 171 -9.42 5.45 -15.74
CA SER C 171 -9.47 6.72 -14.99
C SER C 171 -10.60 7.68 -15.40
N THR C 172 -11.68 7.14 -15.96
CA THR C 172 -12.82 7.96 -16.37
C THR C 172 -13.96 7.91 -15.33
N TYR C 173 -14.94 8.78 -15.52
CA TYR C 173 -16.17 8.76 -14.74
C TYR C 173 -17.33 8.42 -15.65
N SER C 174 -18.42 7.91 -15.08
CA SER C 174 -19.68 7.79 -15.79
C SER C 174 -20.78 8.45 -14.98
N LEU C 175 -21.83 8.89 -15.66
CA LEU C 175 -22.94 9.59 -15.01
C LEU C 175 -24.26 9.04 -15.54
N SER C 176 -25.21 8.84 -14.63
CA SER C 176 -26.58 8.46 -14.98
C SER C 176 -27.51 9.58 -14.52
N SER C 177 -28.41 10.00 -15.40
CA SER C 177 -29.44 10.99 -15.04
C SER C 177 -30.81 10.43 -15.38
N THR C 178 -31.74 10.52 -14.42
CA THR C 178 -33.08 9.98 -14.62
C THR C 178 -34.10 11.10 -14.54
N LEU C 179 -34.83 11.28 -15.63
CA LEU C 179 -35.98 12.17 -15.66
C LEU C 179 -37.20 11.33 -15.32
N THR C 180 -37.97 11.76 -14.32
CA THR C 180 -39.13 11.02 -13.87
C THR C 180 -40.39 11.86 -13.94
N LEU C 181 -41.41 11.34 -14.62
CA LEU C 181 -42.74 11.95 -14.62
C LEU C 181 -43.83 10.88 -14.55
N SER C 182 -45.04 11.29 -14.15
CA SER C 182 -46.18 10.38 -14.16
C SER C 182 -46.48 9.96 -15.59
N LYS C 183 -47.14 8.81 -15.76
CA LYS C 183 -47.56 8.34 -17.08
C LYS C 183 -48.37 9.43 -17.80
N ALA C 184 -49.28 10.07 -17.07
CA ALA C 184 -50.15 11.11 -17.62
C ALA C 184 -49.36 12.31 -18.15
N ASP C 185 -48.36 12.75 -17.38
CA ASP C 185 -47.49 13.84 -17.83
C ASP C 185 -46.56 13.44 -18.96
N TYR C 186 -46.09 12.19 -18.93
CA TYR C 186 -45.25 11.65 -20.01
C TYR C 186 -45.99 11.68 -21.35
N GLU C 187 -47.30 11.43 -21.31
CA GLU C 187 -48.13 11.39 -22.51
C GLU C 187 -48.59 12.77 -22.98
N LYS C 188 -48.30 13.80 -22.19
CA LYS C 188 -48.61 15.19 -22.56
C LYS C 188 -47.55 15.78 -23.48
N HIS C 189 -46.48 15.02 -23.75
CA HIS C 189 -45.35 15.52 -24.54
C HIS C 189 -44.90 14.50 -25.58
N LYS C 190 -44.18 14.95 -26.60
CA LYS C 190 -43.70 14.05 -27.66
C LYS C 190 -42.19 13.81 -27.64
N VAL C 191 -41.41 14.89 -27.75
CA VAL C 191 -39.96 14.77 -27.89
C VAL C 191 -39.25 14.86 -26.53
N TYR C 192 -38.50 13.81 -26.20
CA TYR C 192 -37.73 13.76 -24.98
C TYR C 192 -36.26 13.77 -25.31
N ALA C 193 -35.53 14.74 -24.76
CA ALA C 193 -34.13 14.93 -25.11
C ALA C 193 -33.25 15.21 -23.91
N CYS C 194 -32.03 14.68 -23.96
N CYS C 194 -32.03 14.69 -23.94
CA CYS C 194 -30.97 14.91 -22.97
CA CYS C 194 -31.05 15.04 -22.94
C CYS C 194 -29.82 15.66 -23.64
C CYS C 194 -29.86 15.67 -23.63
N GLU C 195 -29.54 16.88 -23.20
CA GLU C 195 -28.48 17.70 -23.79
C GLU C 195 -27.25 17.71 -22.90
N VAL C 196 -26.12 17.24 -23.43
CA VAL C 196 -24.91 17.03 -22.64
C VAL C 196 -23.82 18.05 -22.97
N THR C 197 -23.29 18.71 -21.94
CA THR C 197 -22.17 19.64 -22.06
C THR C 197 -20.96 19.11 -21.28
N HIS C 198 -19.82 19.01 -21.97
CA HIS C 198 -18.57 18.55 -21.38
C HIS C 198 -17.44 19.12 -22.24
N GLN C 199 -16.30 19.41 -21.62
CA GLN C 199 -15.21 20.08 -22.35
C GLN C 199 -14.57 19.19 -23.44
N GLY C 200 -14.87 17.89 -23.39
CA GLY C 200 -14.47 16.97 -24.46
C GLY C 200 -15.35 17.05 -25.70
N LEU C 201 -16.41 17.85 -25.63
CA LEU C 201 -17.37 18.00 -26.73
C LEU C 201 -17.33 19.43 -27.25
N SER C 202 -17.27 19.58 -28.57
CA SER C 202 -17.22 20.89 -29.22
C SER C 202 -18.43 21.73 -28.88
N SER C 203 -19.60 21.16 -29.13
CA SER C 203 -20.88 21.75 -28.77
C SER C 203 -21.72 20.71 -28.05
N PRO C 204 -22.77 21.13 -27.33
CA PRO C 204 -23.67 20.19 -26.66
C PRO C 204 -24.15 19.05 -27.55
N VAL C 205 -24.04 17.83 -27.06
CA VAL C 205 -24.57 16.64 -27.74
C VAL C 205 -25.97 16.34 -27.20
N THR C 206 -26.94 16.26 -28.11
CA THR C 206 -28.30 15.96 -27.73
C THR C 206 -28.69 14.57 -28.22
N LYS C 207 -29.23 13.75 -27.32
CA LYS C 207 -29.84 12.49 -27.69
C LYS C 207 -31.33 12.59 -27.41
N SER C 208 -32.15 12.10 -28.33
CA SER C 208 -33.60 12.22 -28.20
C SER C 208 -34.36 11.05 -28.80
N PHE C 209 -35.65 11.00 -28.49
CA PHE C 209 -36.57 10.05 -29.09
C PHE C 209 -37.96 10.67 -29.09
N ASN C 210 -38.81 10.20 -29.99
CA ASN C 210 -40.22 10.55 -29.98
C ASN C 210 -41.00 9.45 -29.29
N ARG C 211 -41.81 9.84 -28.30
CA ARG C 211 -42.62 8.90 -27.54
C ARG C 211 -43.47 8.00 -28.43
N PCA D 1 -3.67 -6.30 15.48
CA PCA D 1 -3.65 -7.02 16.74
CB PCA D 1 -2.45 -6.45 17.49
CG PCA D 1 -1.60 -5.77 16.40
CD PCA D 1 -2.55 -5.67 15.21
OE PCA D 1 -2.30 -5.09 14.18
C PCA D 1 -4.93 -6.91 17.49
O PCA D 1 -5.15 -7.64 18.46
N VAL D 2 -5.81 -6.00 17.06
CA VAL D 2 -7.14 -5.87 17.61
C VAL D 2 -8.14 -5.89 16.45
N GLN D 3 -9.28 -6.53 16.68
CA GLN D 3 -10.37 -6.50 15.71
C GLN D 3 -11.59 -5.95 16.43
N LEU D 4 -12.30 -5.06 15.76
CA LEU D 4 -13.54 -4.49 16.28
C LEU D 4 -14.65 -4.89 15.31
N VAL D 5 -15.59 -5.70 15.78
CA VAL D 5 -16.64 -6.24 14.93
C VAL D 5 -17.98 -5.63 15.39
N GLN D 6 -18.62 -4.88 14.51
CA GLN D 6 -19.86 -4.16 14.84
C GLN D 6 -21.10 -4.97 14.47
N SER D 7 -22.22 -4.62 15.10
CA SER D 7 -23.51 -5.24 14.81
C SER D 7 -24.02 -4.83 13.43
N GLY D 8 -25.07 -5.52 12.95
CA GLY D 8 -25.58 -5.33 11.58
C GLY D 8 -26.44 -4.10 11.35
N ALA D 9 -26.75 -3.84 10.08
CA ALA D 9 -27.49 -2.63 9.68
C ALA D 9 -28.84 -2.49 10.37
N GLU D 10 -29.24 -1.25 10.61
CA GLU D 10 -30.47 -0.94 11.31
C GLU D 10 -31.35 -0.03 10.47
N VAL D 11 -32.67 -0.19 10.60
CA VAL D 11 -33.62 0.62 9.85
C VAL D 11 -34.65 1.12 10.84
N LYS D 12 -34.84 2.43 10.88
CA LYS D 12 -35.54 3.08 11.98
C LYS D 12 -36.47 4.18 11.51
N LYS D 13 -37.59 4.36 12.23
CA LYS D 13 -38.51 5.48 12.01
C LYS D 13 -38.07 6.68 12.83
N PRO D 14 -38.44 7.91 12.41
CA PRO D 14 -38.13 9.07 13.22
C PRO D 14 -38.69 8.94 14.64
N GLY D 15 -37.92 9.38 15.62
CA GLY D 15 -38.32 9.30 17.02
C GLY D 15 -37.92 8.01 17.73
N SER D 16 -37.50 7.01 16.97
CA SER D 16 -37.08 5.74 17.57
C SER D 16 -35.65 5.83 18.12
N SER D 17 -35.17 4.72 18.68
CA SER D 17 -33.82 4.63 19.23
C SER D 17 -33.08 3.49 18.56
N VAL D 18 -31.77 3.59 18.54
CA VAL D 18 -30.93 2.54 17.99
C VAL D 18 -29.76 2.30 18.94
N LYS D 19 -29.35 1.05 19.07
CA LYS D 19 -28.20 0.67 19.90
C LYS D 19 -27.29 -0.22 19.07
N VAL D 20 -26.10 0.29 18.79
CA VAL D 20 -25.13 -0.43 17.97
C VAL D 20 -24.05 -0.98 18.89
N SER D 21 -23.58 -2.19 18.59
CA SER D 21 -22.54 -2.82 19.39
C SER D 21 -21.21 -2.92 18.64
N CYS D 22 -20.13 -3.09 19.40
CA CYS D 22 -18.79 -3.15 18.85
C CYS D 22 -18.00 -4.13 19.73
N LYS D 23 -17.75 -5.33 19.19
CA LYS D 23 -17.05 -6.35 19.96
C LYS D 23 -15.56 -6.37 19.63
N ALA D 24 -14.73 -6.15 20.66
CA ALA D 24 -13.29 -6.11 20.50
C ALA D 24 -12.64 -7.47 20.77
N SER D 25 -11.69 -7.84 19.92
CA SER D 25 -10.85 -9.02 20.14
C SER D 25 -9.39 -8.61 20.07
N GLY D 26 -8.60 -9.10 21.01
CA GLY D 26 -7.18 -8.76 21.10
C GLY D 26 -6.90 -7.60 22.02
N GLY D 27 -5.62 -7.35 22.29
CA GLY D 27 -5.19 -6.25 23.15
C GLY D 27 -5.72 -6.31 24.57
N THR D 28 -6.03 -5.14 25.13
CA THR D 28 -6.54 -4.99 26.49
C THR D 28 -7.78 -4.09 26.50
N PHE D 29 -8.96 -4.66 26.23
CA PHE D 29 -10.20 -3.87 26.07
C PHE D 29 -10.47 -2.86 27.19
N SER D 30 -10.27 -3.31 28.43
CA SER D 30 -10.46 -2.49 29.63
C SER D 30 -9.62 -1.21 29.59
N SER D 31 -8.32 -1.37 29.35
CA SER D 31 -7.38 -0.25 29.25
C SER D 31 -7.68 0.60 28.01
N TYR D 32 -8.19 -0.05 26.97
CA TYR D 32 -8.52 0.62 25.72
C TYR D 32 -9.78 1.49 25.83
N ALA D 33 -9.88 2.44 24.91
CA ALA D 33 -10.97 3.39 24.84
C ALA D 33 -11.70 3.22 23.51
N ILE D 34 -13.02 3.23 23.55
CA ILE D 34 -13.82 3.11 22.32
C ILE D 34 -14.60 4.39 22.06
N SER D 35 -14.44 4.92 20.86
CA SER D 35 -15.12 6.13 20.46
C SER D 35 -16.03 5.84 19.27
N TRP D 36 -16.98 6.72 19.03
CA TRP D 36 -17.92 6.52 17.94
C TRP D 36 -17.93 7.72 17.02
N VAL D 37 -17.81 7.42 15.73
CA VAL D 37 -17.72 8.42 14.69
C VAL D 37 -18.71 8.01 13.59
N ARG D 38 -19.48 8.96 13.09
CA ARG D 38 -20.41 8.68 12.02
C ARG D 38 -20.11 9.43 10.73
N GLN D 39 -20.66 8.91 9.64
CA GLN D 39 -20.48 9.47 8.31
C GLN D 39 -21.76 9.30 7.48
N ALA D 40 -22.42 10.42 7.19
CA ALA D 40 -23.60 10.42 6.32
C ALA D 40 -23.13 10.14 4.89
N PRO D 41 -23.99 9.50 4.06
CA PRO D 41 -23.59 9.16 2.69
C PRO D 41 -22.99 10.36 1.95
N GLY D 42 -21.80 10.17 1.40
CA GLY D 42 -21.11 11.22 0.62
C GLY D 42 -20.54 12.36 1.44
N GLN D 43 -20.64 12.28 2.76
CA GLN D 43 -20.21 13.39 3.63
C GLN D 43 -18.96 13.06 4.45
N GLY D 44 -18.59 13.96 5.35
CA GLY D 44 -17.39 13.80 6.18
C GLY D 44 -17.61 13.02 7.47
N LEU D 45 -16.60 13.06 8.32
CA LEU D 45 -16.61 12.29 9.56
C LEU D 45 -16.98 13.17 10.73
N GLU D 46 -17.84 12.65 11.61
CA GLU D 46 -18.34 13.41 12.75
C GLU D 46 -18.23 12.58 14.01
N TRP D 47 -17.47 13.10 14.98
CA TRP D 47 -17.27 12.41 16.27
C TRP D 47 -18.51 12.57 17.14
N MET D 48 -18.92 11.49 17.79
CA MET D 48 -20.09 11.52 18.66
C MET D 48 -19.71 11.52 20.13
N GLY D 49 -18.67 10.75 20.46
CA GLY D 49 -18.24 10.61 21.85
C GLY D 49 -17.42 9.37 22.07
N GLY D 50 -17.02 9.14 23.31
CA GLY D 50 -16.21 7.98 23.65
C GLY D 50 -16.07 7.77 25.15
N ILE D 51 -15.70 6.55 25.52
CA ILE D 51 -15.52 6.13 26.90
C ILE D 51 -14.16 5.43 27.08
N ILE D 52 -13.56 5.58 28.25
CA ILE D 52 -12.39 4.77 28.65
C ILE D 52 -12.76 4.04 29.95
N PRO D 53 -13.21 2.78 29.83
CA PRO D 53 -13.77 2.02 30.96
C PRO D 53 -12.87 1.95 32.20
N ILE D 54 -11.58 1.68 32.00
CA ILE D 54 -10.63 1.57 33.12
C ILE D 54 -10.57 2.84 33.99
N PHE D 55 -10.61 4.00 33.35
CA PHE D 55 -10.56 5.29 34.08
C PHE D 55 -11.97 5.87 34.27
N GLY D 56 -12.97 5.19 33.71
CA GLY D 56 -14.37 5.59 33.84
C GLY D 56 -14.74 6.92 33.21
N THR D 57 -13.95 7.36 32.24
CA THR D 57 -14.16 8.66 31.59
C THR D 57 -15.13 8.52 30.42
N ALA D 58 -15.89 9.59 30.16
CA ALA D 58 -16.82 9.67 29.04
C ALA D 58 -16.89 11.10 28.51
N ASN D 59 -16.72 11.23 27.20
CA ASN D 59 -16.80 12.52 26.51
C ASN D 59 -17.84 12.43 25.39
N TYR D 60 -18.70 13.44 25.28
CA TYR D 60 -19.71 13.51 24.22
C TYR D 60 -19.66 14.86 23.49
N ALA D 61 -19.98 14.85 22.21
CA ALA D 61 -20.14 16.09 21.46
C ALA D 61 -21.43 16.75 21.95
N GLN D 62 -21.36 18.06 22.19
CA GLN D 62 -22.51 18.84 22.67
C GLN D 62 -23.76 18.64 21.81
N LYS D 63 -23.58 18.57 20.49
CA LYS D 63 -24.65 18.31 19.52
C LYS D 63 -25.53 17.10 19.90
N PHE D 64 -24.94 16.11 20.55
CA PHE D 64 -25.65 14.87 20.89
C PHE D 64 -25.95 14.68 22.37
N GLN D 65 -25.52 15.63 23.20
CA GLN D 65 -25.77 15.55 24.64
C GLN D 65 -27.26 15.40 24.91
N GLY D 66 -27.60 14.44 25.76
CA GLY D 66 -28.99 14.09 26.05
C GLY D 66 -29.54 13.00 25.13
N ARG D 67 -28.95 12.86 23.94
CA ARG D 67 -29.45 11.93 22.92
C ARG D 67 -28.61 10.66 22.79
N VAL D 68 -27.32 10.76 23.09
CA VAL D 68 -26.41 9.62 22.93
C VAL D 68 -25.95 9.09 24.28
N THR D 69 -25.87 7.76 24.40
CA THR D 69 -25.26 7.12 25.57
C THR D 69 -24.27 6.09 25.10
N ILE D 70 -23.06 6.15 25.63
CA ILE D 70 -22.00 5.21 25.27
C ILE D 70 -21.63 4.37 26.49
N THR D 71 -21.68 3.05 26.32
CA THR D 71 -21.44 2.13 27.41
C THR D 71 -20.49 1.02 26.99
N ALA D 72 -19.95 0.30 27.97
CA ALA D 72 -19.09 -0.84 27.71
C ALA D 72 -19.46 -2.00 28.63
N ASP D 73 -19.46 -3.21 28.07
CA ASP D 73 -19.64 -4.42 28.86
C ASP D 73 -18.30 -5.14 28.93
N GLU D 74 -17.56 -4.88 30.01
CA GLU D 74 -16.21 -5.42 30.18
C GLU D 74 -16.16 -6.93 30.38
N SER D 75 -17.29 -7.52 30.77
CA SER D 75 -17.41 -8.97 30.90
C SER D 75 -17.52 -9.68 29.54
N THR D 76 -17.64 -8.90 28.46
CA THR D 76 -17.73 -9.44 27.10
C THR D 76 -16.85 -8.70 26.08
N SER D 77 -16.12 -7.69 26.56
CA SER D 77 -15.32 -6.81 25.70
C SER D 77 -16.15 -6.15 24.58
N THR D 78 -17.36 -5.70 24.93
CA THR D 78 -18.27 -5.10 23.97
C THR D 78 -18.64 -3.68 24.36
N ALA D 79 -18.48 -2.75 23.42
CA ALA D 79 -18.88 -1.36 23.59
C ALA D 79 -20.20 -1.12 22.86
N TYR D 80 -20.97 -0.13 23.33
CA TYR D 80 -22.30 0.13 22.79
C TYR D 80 -22.52 1.62 22.58
N MET D 81 -23.22 1.96 21.51
CA MET D 81 -23.65 3.33 21.31
C MET D 81 -25.15 3.35 21.11
N GLU D 82 -25.86 4.08 21.98
CA GLU D 82 -27.30 4.23 21.86
C GLU D 82 -27.63 5.67 21.49
N LEU D 83 -28.40 5.85 20.41
CA LEU D 83 -28.83 7.17 19.96
C LEU D 83 -30.34 7.19 19.92
N SER D 84 -30.93 8.13 20.64
CA SER D 84 -32.39 8.22 20.78
C SER D 84 -32.93 9.41 19.98
N SER D 85 -34.27 9.54 19.96
CA SER D 85 -34.96 10.60 19.22
C SER D 85 -34.39 10.76 17.81
N LEU D 86 -34.30 9.64 17.09
CA LEU D 86 -33.69 9.62 15.77
C LEU D 86 -34.44 10.50 14.76
N ARG D 87 -33.67 11.21 13.94
CA ARG D 87 -34.21 12.02 12.86
C ARG D 87 -33.55 11.58 11.56
N SER D 88 -34.19 11.91 10.43
N SER D 88 -34.17 11.91 10.42
CA SER D 88 -33.68 11.57 9.10
CA SER D 88 -33.65 11.49 9.11
C SER D 88 -32.21 11.90 8.93
C SER D 88 -32.20 11.91 8.90
N GLU D 89 -31.81 13.05 9.49
CA GLU D 89 -30.42 13.53 9.43
C GLU D 89 -29.43 12.66 10.21
N ASP D 90 -29.94 11.69 10.97
CA ASP D 90 -29.08 10.72 11.66
C ASP D 90 -28.71 9.52 10.79
N THR D 91 -29.21 9.48 9.55
CA THR D 91 -28.85 8.42 8.60
C THR D 91 -27.35 8.53 8.31
N ALA D 92 -26.63 7.44 8.57
CA ALA D 92 -25.18 7.43 8.47
C ALA D 92 -24.65 6.03 8.73
N VAL D 93 -23.39 5.82 8.33
CA VAL D 93 -22.62 4.67 8.77
C VAL D 93 -21.97 5.09 10.10
N TYR D 94 -22.20 4.30 11.14
CA TYR D 94 -21.64 4.55 12.45
C TYR D 94 -20.45 3.62 12.68
N TYR D 95 -19.32 4.22 13.03
CA TYR D 95 -18.08 3.48 13.26
C TYR D 95 -17.70 3.53 14.71
N CYS D 96 -17.28 2.39 15.25
CA CYS D 96 -16.54 2.39 16.51
C CYS D 96 -15.06 2.39 16.17
N ALA D 97 -14.28 3.02 17.04
CA ALA D 97 -12.85 3.14 16.79
C ALA D 97 -12.16 3.21 18.14
N ARG D 98 -10.95 2.65 18.20
CA ARG D 98 -10.16 2.70 19.41
C ARG D 98 -9.47 4.06 19.48
N TYR D 99 -9.73 4.77 20.58
CA TYR D 99 -9.17 6.10 20.79
C TYR D 99 -7.91 6.01 21.65
N ASP D 100 -6.84 6.68 21.21
CA ASP D 100 -5.56 6.69 21.91
C ASP D 100 -5.39 8.03 22.60
N GLY D 101 -5.61 8.04 23.92
CA GLY D 101 -5.57 9.28 24.72
C GLY D 101 -4.22 9.94 24.83
N ILE D 102 -3.15 9.22 24.48
CA ILE D 102 -1.80 9.79 24.53
C ILE D 102 -1.60 10.85 23.43
N TYR D 103 -2.00 10.52 22.19
CA TYR D 103 -1.78 11.43 21.07
C TYR D 103 -3.07 11.94 20.41
N GLY D 104 -4.20 11.35 20.78
CA GLY D 104 -5.51 11.82 20.32
C GLY D 104 -6.01 11.19 19.03
N GLU D 105 -5.35 10.15 18.54
CA GLU D 105 -5.74 9.53 17.27
C GLU D 105 -6.63 8.30 17.48
N LEU D 106 -7.21 7.85 16.37
CA LEU D 106 -8.07 6.67 16.34
C LEU D 106 -7.39 5.61 15.47
N ASP D 107 -6.81 4.59 16.09
CA ASP D 107 -5.99 3.61 15.33
C ASP D 107 -6.76 2.40 14.77
N PHE D 108 -7.56 1.73 15.59
CA PHE D 108 -8.32 0.56 15.15
C PHE D 108 -9.75 1.04 14.87
N TRP D 109 -10.33 0.60 13.75
CA TRP D 109 -11.69 0.99 13.37
C TRP D 109 -12.55 -0.25 13.10
N GLY D 110 -13.82 -0.19 13.48
CA GLY D 110 -14.78 -1.23 13.13
C GLY D 110 -15.18 -1.12 11.66
N GLN D 111 -15.94 -2.10 11.17
CA GLN D 111 -16.31 -2.13 9.76
C GLN D 111 -17.44 -1.15 9.44
N GLY D 112 -18.10 -0.64 10.48
CA GLY D 112 -19.18 0.31 10.33
C GLY D 112 -20.55 -0.36 10.36
N THR D 113 -21.55 0.40 10.77
CA THR D 113 -22.93 -0.07 10.82
C THR D 113 -23.80 0.99 10.17
N LEU D 114 -24.49 0.62 9.08
CA LEU D 114 -25.43 1.56 8.48
C LEU D 114 -26.71 1.65 9.33
N VAL D 115 -27.06 2.87 9.72
CA VAL D 115 -28.36 3.15 10.31
C VAL D 115 -29.14 4.07 9.39
N THR D 116 -30.27 3.58 8.89
CA THR D 116 -31.15 4.40 8.06
C THR D 116 -32.34 4.84 8.89
N VAL D 117 -32.54 6.16 8.97
CA VAL D 117 -33.69 6.75 9.65
C VAL D 117 -34.58 7.46 8.63
N SER D 118 -35.84 7.05 8.58
CA SER D 118 -36.79 7.54 7.58
C SER D 118 -38.22 7.19 7.93
N SER D 119 -39.15 8.04 7.50
CA SER D 119 -40.58 7.73 7.56
C SER D 119 -40.97 6.61 6.61
N ALA D 120 -40.12 6.32 5.62
CA ALA D 120 -40.39 5.28 4.64
C ALA D 120 -40.42 3.88 5.27
N SER D 121 -41.11 2.96 4.61
CA SER D 121 -41.13 1.56 5.04
C SER D 121 -40.51 0.65 3.98
N THR D 122 -40.06 -0.53 4.42
CA THR D 122 -39.40 -1.51 3.54
C THR D 122 -40.19 -1.73 2.26
N LYS D 123 -39.48 -1.66 1.13
CA LYS D 123 -40.10 -1.92 -0.17
C LYS D 123 -39.07 -2.49 -1.12
N GLY D 124 -39.44 -3.59 -1.78
CA GLY D 124 -38.57 -4.20 -2.79
C GLY D 124 -38.59 -3.40 -4.09
N PRO D 125 -37.46 -3.41 -4.81
CA PRO D 125 -37.35 -2.67 -6.07
C PRO D 125 -38.10 -3.33 -7.21
N SER D 126 -38.60 -2.49 -8.11
CA SER D 126 -39.04 -2.92 -9.42
C SER D 126 -37.86 -2.77 -10.36
N VAL D 127 -37.59 -3.80 -11.14
CA VAL D 127 -36.44 -3.79 -12.05
C VAL D 127 -36.91 -3.68 -13.49
N PHE D 128 -36.58 -2.55 -14.13
CA PHE D 128 -37.01 -2.30 -15.50
C PHE D 128 -35.82 -2.35 -16.45
N PRO D 129 -36.04 -2.86 -17.68
CA PRO D 129 -34.96 -2.92 -18.63
C PRO D 129 -34.63 -1.54 -19.21
N LEU D 130 -33.34 -1.31 -19.45
CA LEU D 130 -32.90 -0.19 -20.28
C LEU D 130 -32.43 -0.84 -21.58
N ALA D 131 -33.34 -0.91 -22.55
CA ALA D 131 -33.13 -1.69 -23.78
C ALA D 131 -32.08 -1.06 -24.69
N PRO D 132 -31.20 -1.89 -25.29
CA PRO D 132 -30.20 -1.37 -26.23
C PRO D 132 -30.85 -0.76 -27.47
N SER D 133 -30.38 0.41 -27.87
CA SER D 133 -30.97 1.24 -28.93
C SER D 133 -31.39 0.48 -30.19
C GLY D 140 -20.62 -0.99 -31.56
N THR D 141 -20.71 -0.05 -30.62
CA THR D 141 -20.92 -0.38 -29.22
C THR D 141 -22.32 0.00 -28.75
N ALA D 142 -23.00 -0.93 -28.09
CA ALA D 142 -24.32 -0.69 -27.53
C ALA D 142 -24.29 -0.59 -26.01
N ALA D 143 -25.10 0.32 -25.46
CA ALA D 143 -25.31 0.39 -24.03
C ALA D 143 -26.67 -0.20 -23.68
N LEU D 144 -26.70 -1.02 -22.65
CA LEU D 144 -27.94 -1.56 -22.13
C LEU D 144 -27.82 -1.60 -20.62
N GLY D 145 -28.96 -1.71 -19.94
CA GLY D 145 -28.90 -1.77 -18.49
C GLY D 145 -30.22 -2.11 -17.84
N CYS D 146 -30.26 -1.91 -16.52
N CYS D 146 -30.28 -1.86 -16.53
CA CYS D 146 -31.45 -2.10 -15.71
CA CYS D 146 -31.49 -2.07 -15.77
C CYS D 146 -31.66 -0.90 -14.82
C CYS D 146 -31.67 -0.97 -14.76
N LEU D 147 -32.91 -0.51 -14.63
CA LEU D 147 -33.27 0.54 -13.69
C LEU D 147 -33.89 -0.15 -12.50
N VAL D 148 -33.30 0.07 -11.34
CA VAL D 148 -33.73 -0.55 -10.09
C VAL D 148 -34.45 0.54 -9.31
N LYS D 149 -35.78 0.57 -9.46
CA LYS D 149 -36.56 1.72 -9.00
C LYS D 149 -37.38 1.48 -7.73
N ASP D 150 -37.39 2.49 -6.86
CA ASP D 150 -38.32 2.60 -5.73
C ASP D 150 -38.16 1.52 -4.68
N TYR D 151 -36.97 1.42 -4.08
CA TYR D 151 -36.75 0.48 -2.99
C TYR D 151 -36.38 1.20 -1.69
N PHE D 152 -36.49 0.47 -0.58
CA PHE D 152 -36.09 0.98 0.73
C PHE D 152 -35.89 -0.19 1.69
N PRO D 153 -34.80 -0.18 2.49
CA PRO D 153 -33.69 0.79 2.52
C PRO D 153 -32.57 0.36 1.58
N GLU D 154 -31.47 1.11 1.55
CA GLU D 154 -30.21 0.62 1.00
C GLU D 154 -29.75 -0.59 1.80
N PRO D 155 -28.92 -1.48 1.22
CA PRO D 155 -28.39 -1.47 -0.14
C PRO D 155 -29.09 -2.47 -1.05
N VAL D 156 -28.87 -2.34 -2.35
CA VAL D 156 -29.14 -3.41 -3.30
C VAL D 156 -27.80 -3.87 -3.87
N THR D 157 -27.73 -5.11 -4.32
CA THR D 157 -26.55 -5.56 -5.07
C THR D 157 -27.01 -5.88 -6.48
N VAL D 158 -26.19 -5.52 -7.46
CA VAL D 158 -26.48 -5.79 -8.85
C VAL D 158 -25.30 -6.50 -9.48
N SER D 159 -25.58 -7.59 -10.19
CA SER D 159 -24.56 -8.23 -11.01
C SER D 159 -25.14 -8.51 -12.38
N TRP D 160 -24.28 -8.79 -13.33
CA TRP D 160 -24.68 -9.13 -14.69
C TRP D 160 -24.26 -10.56 -15.01
N ASN D 161 -25.17 -11.31 -15.64
CA ASN D 161 -24.95 -12.72 -15.99
C ASN D 161 -24.38 -13.54 -14.82
N SER D 162 -25.02 -13.41 -13.66
CA SER D 162 -24.66 -14.12 -12.43
C SER D 162 -23.21 -13.89 -12.00
N GLY D 163 -22.67 -12.73 -12.35
CA GLY D 163 -21.30 -12.37 -12.00
C GLY D 163 -20.28 -12.56 -13.11
N ALA D 164 -20.66 -13.28 -14.16
CA ALA D 164 -19.73 -13.56 -15.27
C ALA D 164 -19.42 -12.32 -16.12
N LEU D 165 -20.28 -11.31 -16.06
CA LEU D 165 -20.05 -10.08 -16.82
C LEU D 165 -19.70 -8.92 -15.90
N THR D 166 -18.44 -8.51 -15.93
CA THR D 166 -17.95 -7.41 -15.09
C THR D 166 -17.37 -6.27 -15.92
N SER D 167 -16.69 -6.63 -17.01
CA SER D 167 -16.03 -5.63 -17.87
C SER D 167 -17.07 -4.70 -18.51
N GLY D 168 -16.86 -3.40 -18.33
CA GLY D 168 -17.75 -2.39 -18.92
C GLY D 168 -19.02 -2.12 -18.14
N VAL D 169 -19.17 -2.76 -16.98
CA VAL D 169 -20.34 -2.56 -16.12
C VAL D 169 -20.16 -1.31 -15.27
N HIS D 170 -21.20 -0.47 -15.23
CA HIS D 170 -21.22 0.65 -14.29
C HIS D 170 -22.50 0.59 -13.46
N THR D 171 -22.35 0.29 -12.18
CA THR D 171 -23.49 0.36 -11.26
C THR D 171 -23.40 1.66 -10.47
N PHE D 172 -24.38 2.53 -10.69
CA PHE D 172 -24.34 3.87 -10.15
C PHE D 172 -24.81 3.93 -8.70
N PRO D 173 -24.31 4.93 -7.92
CA PRO D 173 -24.81 5.16 -6.57
C PRO D 173 -26.32 5.44 -6.65
N ALA D 174 -27.07 4.93 -5.67
CA ALA D 174 -28.50 5.21 -5.62
C ALA D 174 -28.76 6.68 -5.34
N VAL D 175 -29.88 7.17 -5.84
CA VAL D 175 -30.35 8.49 -5.47
C VAL D 175 -31.58 8.32 -4.59
N LEU D 176 -31.74 9.24 -3.63
CA LEU D 176 -32.88 9.24 -2.75
C LEU D 176 -33.94 10.19 -3.29
N GLN D 177 -35.10 9.63 -3.63
CA GLN D 177 -36.17 10.40 -4.24
C GLN D 177 -36.97 11.14 -3.17
N SER D 178 -37.75 12.15 -3.58
CA SER D 178 -38.56 12.90 -2.63
C SER D 178 -39.63 12.03 -1.97
N SER D 179 -39.96 10.89 -2.59
CA SER D 179 -40.88 9.91 -2.01
C SER D 179 -40.30 9.19 -0.79
N GLY D 180 -38.98 9.29 -0.62
CA GLY D 180 -38.27 8.56 0.43
C GLY D 180 -37.77 7.20 -0.01
N LEU D 181 -37.97 6.87 -1.29
CA LEU D 181 -37.46 5.62 -1.85
C LEU D 181 -36.23 5.85 -2.73
N TYR D 182 -35.36 4.85 -2.78
CA TYR D 182 -34.15 4.90 -3.60
C TYR D 182 -34.38 4.37 -5.00
N SER D 183 -33.53 4.85 -5.91
CA SER D 183 -33.50 4.36 -7.27
C SER D 183 -32.05 4.36 -7.75
N LEU D 184 -31.71 3.35 -8.54
CA LEU D 184 -30.35 3.14 -8.99
C LEU D 184 -30.41 2.56 -10.40
N SER D 185 -29.39 2.85 -11.21
CA SER D 185 -29.28 2.24 -12.52
C SER D 185 -27.97 1.46 -12.61
N SER D 186 -27.98 0.41 -13.43
CA SER D 186 -26.76 -0.33 -13.71
C SER D 186 -26.73 -0.55 -15.22
N VAL D 187 -25.60 -0.20 -15.83
CA VAL D 187 -25.47 -0.30 -17.27
C VAL D 187 -24.21 -1.08 -17.65
N VAL D 188 -24.18 -1.55 -18.88
CA VAL D 188 -23.00 -2.20 -19.43
C VAL D 188 -22.95 -1.88 -20.93
N THR D 189 -21.73 -1.73 -21.45
CA THR D 189 -21.55 -1.53 -22.88
C THR D 189 -21.09 -2.84 -23.52
N VAL D 190 -21.71 -3.22 -24.62
CA VAL D 190 -21.47 -4.52 -25.26
C VAL D 190 -21.31 -4.34 -26.79
N PRO D 191 -20.75 -5.36 -27.48
CA PRO D 191 -20.70 -5.25 -28.95
C PRO D 191 -22.11 -5.24 -29.57
N SER D 192 -22.35 -4.29 -30.46
CA SER D 192 -23.62 -4.17 -31.19
C SER D 192 -23.92 -5.39 -32.06
N SER D 193 -22.85 -6.01 -32.57
CA SER D 193 -22.95 -7.16 -33.47
C SER D 193 -23.20 -8.49 -32.75
N SER D 194 -23.16 -8.47 -31.42
CA SER D 194 -23.36 -9.67 -30.62
C SER D 194 -24.77 -9.74 -30.01
N LEU D 195 -25.54 -8.66 -30.18
CA LEU D 195 -26.88 -8.55 -29.59
C LEU D 195 -27.85 -9.62 -30.10
N GLY D 196 -27.66 -10.05 -31.33
CA GLY D 196 -28.54 -11.04 -31.96
C GLY D 196 -28.33 -12.46 -31.47
N THR D 197 -27.13 -12.74 -30.97
CA THR D 197 -26.78 -14.10 -30.55
C THR D 197 -26.48 -14.23 -29.06
N GLN D 198 -26.55 -13.12 -28.31
CA GLN D 198 -26.10 -13.12 -26.91
C GLN D 198 -27.12 -12.61 -25.87
N THR D 199 -26.95 -13.10 -24.64
CA THR D 199 -27.90 -12.90 -23.55
C THR D 199 -27.31 -11.99 -22.45
N TYR D 200 -28.10 -11.01 -22.02
CA TYR D 200 -27.69 -10.10 -20.94
C TYR D 200 -28.76 -10.01 -19.85
N ILE D 201 -28.40 -10.50 -18.67
CA ILE D 201 -29.33 -10.62 -17.55
C ILE D 201 -28.78 -9.85 -16.36
N CYS D 202 -29.54 -8.89 -15.85
CA CYS D 202 -29.16 -8.24 -14.61
C CYS D 202 -29.78 -8.97 -13.42
N ASN D 203 -28.94 -9.23 -12.43
CA ASN D 203 -29.36 -9.93 -11.22
C ASN D 203 -29.38 -8.94 -10.07
N VAL D 204 -30.55 -8.78 -9.45
CA VAL D 204 -30.73 -7.75 -8.43
C VAL D 204 -31.15 -8.40 -7.12
N ASN D 205 -30.43 -8.06 -6.06
CA ASN D 205 -30.74 -8.60 -4.74
C ASN D 205 -30.99 -7.47 -3.74
N HIS D 206 -32.16 -7.51 -3.11
CA HIS D 206 -32.49 -6.58 -2.04
C HIS D 206 -32.88 -7.37 -0.82
N LYS D 207 -31.91 -7.58 0.07
CA LYS D 207 -32.12 -8.44 1.24
C LYS D 207 -33.24 -8.05 2.21
N PRO D 208 -33.39 -6.74 2.53
CA PRO D 208 -34.41 -6.34 3.52
C PRO D 208 -35.84 -6.69 3.11
N SER D 209 -36.10 -6.79 1.81
CA SER D 209 -37.43 -7.12 1.32
C SER D 209 -37.49 -8.55 0.78
N ASN D 210 -36.41 -9.31 0.98
CA ASN D 210 -36.23 -10.66 0.43
C ASN D 210 -36.49 -10.76 -1.08
N THR D 211 -35.92 -9.81 -1.82
CA THR D 211 -36.12 -9.71 -3.26
C THR D 211 -34.89 -10.22 -4.03
N LYS D 212 -35.13 -11.17 -4.92
CA LYS D 212 -34.13 -11.66 -5.85
C LYS D 212 -34.74 -11.62 -7.25
N VAL D 213 -34.23 -10.74 -8.12
CA VAL D 213 -34.80 -10.54 -9.45
C VAL D 213 -33.74 -10.83 -10.49
N ASP D 214 -34.15 -11.53 -11.55
CA ASP D 214 -33.31 -11.72 -12.73
C ASP D 214 -34.08 -11.18 -13.92
N LYS D 215 -33.48 -10.22 -14.62
CA LYS D 215 -34.15 -9.55 -15.71
C LYS D 215 -33.32 -9.64 -16.98
N LYS D 216 -33.85 -10.32 -17.99
CA LYS D 216 -33.23 -10.38 -19.30
C LYS D 216 -33.51 -9.07 -20.03
N VAL D 217 -32.44 -8.45 -20.54
CA VAL D 217 -32.51 -7.18 -21.25
C VAL D 217 -32.29 -7.42 -22.74
N GLU D 218 -33.35 -7.26 -23.52
CA GLU D 218 -33.27 -7.49 -24.96
C GLU D 218 -33.71 -6.27 -25.78
N PRO D 219 -33.29 -6.19 -27.06
CA PRO D 219 -33.77 -5.13 -27.96
C PRO D 219 -35.28 -5.00 -27.95
N LYS D 220 -35.77 -3.76 -27.86
CA LYS D 220 -37.21 -3.48 -27.72
C LYS D 220 -38.03 -4.03 -28.89
C1 GOL E . 31.09 -6.99 -7.88
O1 GOL E . 31.56 -6.32 -9.07
C2 GOL E . 30.74 -5.98 -6.80
O2 GOL E . 31.89 -5.20 -6.45
C3 GOL E . 29.68 -5.02 -7.33
O3 GOL E . 29.35 -4.08 -6.29
C1 GOL F . 8.06 -12.65 26.26
O1 GOL F . 7.00 -13.49 26.73
C2 GOL F . 9.38 -13.39 26.42
O2 GOL F . 10.22 -13.11 25.27
C3 GOL F . 10.07 -12.91 27.69
O3 GOL F . 10.06 -13.97 28.67
O1 MES G . 4.18 23.07 7.88
C2 MES G . 4.58 21.78 7.40
C3 MES G . 5.09 21.88 5.97
N4 MES G . 4.06 22.52 5.10
C5 MES G . 3.65 23.83 5.65
C6 MES G . 3.14 23.65 7.08
C7 MES G . 4.58 22.78 3.75
C8 MES G . 4.81 21.49 2.95
S MES G . 5.13 21.82 1.35
O1S MES G . 6.11 22.91 1.21
O2S MES G . 5.70 20.57 0.78
O3S MES G . 3.89 22.20 0.63
C1 GOL H . -29.84 8.46 -11.48
O1 GOL H . -30.03 8.00 -12.84
C2 GOL H . -29.61 7.31 -10.50
O2 GOL H . -30.81 6.57 -10.31
C3 GOL H . -28.51 6.34 -10.96
O3 GOL H . -28.25 5.42 -9.89
O1 MES I . -39.73 6.30 24.38
C2 MES I . -38.90 5.35 25.04
C3 MES I . -37.98 4.66 24.02
N4 MES I . -38.78 4.09 22.91
C5 MES I . -39.63 5.12 22.29
C6 MES I . -40.55 5.73 23.36
C7 MES I . -37.84 3.52 21.91
C8 MES I . -38.56 3.19 20.61
S MES I . -37.79 1.97 19.78
O1S MES I . -36.54 2.48 19.18
O2S MES I . -37.48 0.83 20.67
O3S MES I . -38.70 1.52 18.69
#